data_5JB2
#
_entry.id   5JB2
#
_cell.length_a   70.140
_cell.length_b   96.580
_cell.length_c   122.860
_cell.angle_alpha   90.00
_cell.angle_beta   90.00
_cell.angle_gamma   90.00
#
_symmetry.space_group_name_H-M   'P 21 21 21'
#
loop_
_entity.id
_entity.type
_entity.pdbx_description
1 polymer LGP2
2 polymer "RNA (5'-R(*GPPP*GP*UP*AP*CP*GP*UP*AP*CP*CP*C)-3')"
3 polymer "RNA (5'-R(*GPPP*GP*UP*AP*CP*GP*UP*AP*CP*C)-3')"
4 non-polymer 'ZINC ION'
5 non-polymer "ADENOSINE-5'-DIPHOSPHATE"
6 non-polymer 'TETRAFLUOROALUMINATE ION'
7 non-polymer 'MAGNESIUM ION'
8 water water
#
loop_
_entity_poly.entity_id
_entity_poly.type
_entity_poly.pdbx_seq_one_letter_code
_entity_poly.pdbx_strand_id
1 'polypeptide(L)'
;GAMGGGSELHGYQLEAVAPALRGRNSIVWLPTGAGKTRAAVHVCRRHLEGRRGGRVAVLVNKVHLVQQHLEKEFHVLRDA
FKVTAVSGDSSHKCFFGQLAKGSDVVICTAQILQNALLSGEEEARVELTDFSLLVIDECHHTQKEAVYNKIMLSYLQKKL
SGQRDLPQILGLTASPGTGGETSFEGAVEHILQICANLDTEVIASAQEHAQHLQSHVPQPTKQYDLCQEREQDPFGQRLK
KIMAQIQEHMEMPELPQNFGTQVYEQRIVELENRAAERFCRKTRVCALHLRRYNDALLINDTVRMMDAFQCLQQFYADKR
DTKDPTERFLATTFEENRATLQALAGDQRYENPRLSKLEEILQEHFQPPGSSRGIVFTKTRQSAHSLLSWLQDTAGLCGQ
HIRAAVLTGSGHSNQAKGMTQNEQQDVITLFRYGELNLLFSTSVAEEGLDIPECNIVVRYGLMTNEIAMVQAQGRARAQN
SMYSVLAKANSREVYREQLNESLVGLMERAIRAVQAMPERKYRLKIVELQRNAVLSWQVKEARSSERRQLHDPDDVYFHC
VNCNVAVCRGSDIRTVEAMHHVNINPNFRFYYTVSSGKIHFERTFRDWEPGCRIVCSECRQEWGMEMIYRNVTLPILSIK
NFVVVTPDEKKKYKKWSTVTFPIEEFSYLEYCSSTQDESL
;
A
2 'polyribonucleotide' (GTP)GUACGUACCC X
3 'polyribonucleotide' (GTP)GUACGUACC Y
#
# COMPACT_ATOMS: atom_id res chain seq x y z
N SER A 7 -33.02 -11.03 4.86
CA SER A 7 -31.83 -10.21 5.25
C SER A 7 -32.17 -8.82 5.75
N GLU A 8 -33.15 -8.74 6.65
CA GLU A 8 -33.60 -7.46 7.19
C GLU A 8 -32.57 -6.97 8.23
N LEU A 9 -32.43 -5.65 8.36
CA LEU A 9 -31.46 -5.05 9.28
C LEU A 9 -31.63 -5.54 10.72
N HIS A 10 -30.52 -5.89 11.37
CA HIS A 10 -30.51 -6.25 12.79
C HIS A 10 -30.74 -5.02 13.64
N GLY A 11 -31.22 -5.22 14.86
CA GLY A 11 -31.48 -4.12 15.77
C GLY A 11 -30.31 -3.17 15.93
N TYR A 12 -29.11 -3.74 16.12
CA TYR A 12 -27.89 -2.96 16.32
C TYR A 12 -27.48 -2.14 15.09
N GLN A 13 -27.82 -2.63 13.89
CA GLN A 13 -27.61 -1.87 12.64
C GLN A 13 -28.50 -0.63 12.54
N LEU A 14 -29.80 -0.82 12.82
CA LEU A 14 -30.75 0.31 12.90
C LEU A 14 -30.33 1.32 13.98
N GLU A 15 -30.00 0.81 15.16
CA GLU A 15 -29.45 1.66 16.24
C GLU A 15 -28.19 2.45 15.84
N ALA A 16 -27.23 1.81 15.15
CA ALA A 16 -25.97 2.50 14.77
C ALA A 16 -26.14 3.59 13.70
N VAL A 17 -27.19 3.50 12.90
CA VAL A 17 -27.50 4.54 11.87
C VAL A 17 -28.59 5.55 12.23
N ALA A 18 -29.13 5.51 13.46
CA ALA A 18 -30.15 6.50 13.85
C ALA A 18 -29.66 7.96 13.67
N PRO A 19 -28.45 8.29 14.16
CA PRO A 19 -27.99 9.67 13.93
C PRO A 19 -27.80 10.03 12.44
N ALA A 20 -27.24 9.10 11.65
CA ALA A 20 -27.12 9.27 10.20
C ALA A 20 -28.46 9.57 9.52
N LEU A 21 -29.50 8.84 9.94
CA LEU A 21 -30.86 9.04 9.41
C LEU A 21 -31.43 10.42 9.75
N ARG A 22 -31.02 10.96 10.90
CA ARG A 22 -31.36 12.33 11.28
C ARG A 22 -30.53 13.43 10.59
N GLY A 23 -29.62 13.07 9.68
CA GLY A 23 -28.75 14.04 9.00
C GLY A 23 -27.44 14.40 9.69
N ARG A 24 -27.14 13.79 10.83
CA ARG A 24 -25.92 14.10 11.57
C ARG A 24 -24.72 13.42 10.92
N ASN A 25 -23.58 14.10 10.91
CA ASN A 25 -22.31 13.47 10.55
C ASN A 25 -22.00 12.48 11.64
N SER A 26 -21.62 11.27 11.27
CA SER A 26 -21.31 10.21 12.22
C SER A 26 -20.21 9.27 11.75
N ILE A 27 -19.64 8.57 12.73
CA ILE A 27 -18.86 7.37 12.50
C ILE A 27 -19.69 6.19 13.05
N VAL A 28 -19.88 5.17 12.23
CA VAL A 28 -20.58 3.96 12.66
C VAL A 28 -19.53 2.98 13.11
N TRP A 29 -19.47 2.73 14.42
CA TRP A 29 -18.47 1.84 15.01
C TRP A 29 -19.11 0.50 15.41
N LEU A 30 -18.91 -0.50 14.56
CA LEU A 30 -19.40 -1.86 14.76
C LEU A 30 -18.27 -2.87 14.41
N PRO A 31 -18.28 -4.05 15.08
CA PRO A 31 -17.22 -5.03 14.89
C PRO A 31 -17.04 -5.50 13.46
N THR A 32 -15.89 -6.12 13.21
CA THR A 32 -15.59 -6.72 11.91
C THR A 32 -16.65 -7.76 11.60
N GLY A 33 -17.22 -7.68 10.41
CA GLY A 33 -18.25 -8.62 9.97
C GLY A 33 -19.66 -8.39 10.51
N ALA A 34 -19.90 -7.27 11.19
CA ALA A 34 -21.19 -7.00 11.81
C ALA A 34 -22.26 -6.55 10.82
N GLY A 35 -21.82 -6.03 9.68
CA GLY A 35 -22.72 -5.57 8.64
C GLY A 35 -22.79 -4.06 8.49
N LYS A 36 -21.66 -3.37 8.56
CA LYS A 36 -21.66 -1.91 8.36
C LYS A 36 -22.09 -1.52 6.95
N THR A 37 -21.81 -2.37 5.95
CA THR A 37 -22.11 -2.02 4.57
C THR A 37 -23.63 -1.96 4.32
N ARG A 38 -24.36 -2.98 4.78
CA ARG A 38 -25.82 -2.98 4.65
C ARG A 38 -26.49 -1.84 5.40
N ALA A 39 -25.92 -1.44 6.53
CA ALA A 39 -26.41 -0.28 7.28
C ALA A 39 -26.21 1.02 6.49
N ALA A 40 -25.08 1.10 5.80
CA ALA A 40 -24.79 2.27 4.95
C ALA A 40 -25.78 2.31 3.79
N VAL A 41 -26.06 1.16 3.20
CA VAL A 41 -27.03 1.09 2.09
C VAL A 41 -28.40 1.60 2.51
N HIS A 42 -28.87 1.18 3.68
CA HIS A 42 -30.14 1.69 4.22
C HIS A 42 -30.13 3.20 4.40
N VAL A 43 -29.03 3.74 4.96
CA VAL A 43 -28.86 5.20 5.10
C VAL A 43 -28.91 5.89 3.74
N CYS A 44 -28.27 5.30 2.73
CA CYS A 44 -28.32 5.83 1.38
C CYS A 44 -29.72 5.83 0.78
N ARG A 45 -30.48 4.76 1.00
CA ARG A 45 -31.83 4.70 0.44
C ARG A 45 -32.69 5.83 1.03
N ARG A 46 -32.70 5.93 2.35
CA ARG A 46 -33.50 6.94 3.04
C ARG A 46 -33.04 8.36 2.74
N HIS A 47 -31.73 8.53 2.59
CA HIS A 47 -31.17 9.80 2.15
C HIS A 47 -31.74 10.20 0.78
N LEU A 48 -31.61 9.31 -0.18
CA LEU A 48 -32.11 9.55 -1.55
C LEU A 48 -33.65 9.68 -1.63
N GLU A 49 -34.39 8.89 -0.85
CA GLU A 49 -35.86 9.05 -0.74
C GLU A 49 -36.29 10.39 -0.17
N GLY A 50 -35.51 10.94 0.78
CA GLY A 50 -35.90 12.12 1.55
C GLY A 50 -35.69 13.49 0.93
N ARG A 51 -35.03 13.55 -0.23
CA ARG A 51 -34.91 14.81 -0.96
C ARG A 51 -34.88 14.47 -2.43
N ARG A 52 -35.02 15.49 -3.29
CA ARG A 52 -34.82 15.31 -4.72
C ARG A 52 -33.46 15.84 -5.07
N GLY A 53 -32.85 15.24 -6.09
CA GLY A 53 -31.51 15.64 -6.55
C GLY A 53 -30.33 15.37 -5.61
N GLY A 54 -30.49 14.46 -4.65
CA GLY A 54 -29.37 14.04 -3.80
C GLY A 54 -28.40 13.17 -4.59
N ARG A 55 -27.15 13.14 -4.16
CA ARG A 55 -26.15 12.27 -4.80
C ARG A 55 -25.14 11.79 -3.78
N VAL A 56 -24.83 10.49 -3.84
CA VAL A 56 -23.99 9.83 -2.85
C VAL A 56 -22.70 9.37 -3.52
N ALA A 57 -21.57 9.59 -2.85
CA ALA A 57 -20.29 8.95 -3.20
C ALA A 57 -19.88 7.96 -2.08
N VAL A 58 -19.46 6.76 -2.48
CA VAL A 58 -19.05 5.70 -1.56
C VAL A 58 -17.58 5.41 -1.87
N LEU A 59 -16.69 5.78 -0.95
CA LEU A 59 -15.24 5.70 -1.12
C LEU A 59 -14.68 4.46 -0.43
N VAL A 60 -13.84 3.72 -1.15
CA VAL A 60 -13.15 2.53 -0.60
C VAL A 60 -11.66 2.71 -0.75
N ASN A 61 -10.90 1.86 -0.08
CA ASN A 61 -9.46 1.96 -0.08
C ASN A 61 -8.70 0.83 -0.80
N LYS A 62 -9.39 -0.16 -1.37
N LYS A 62 -9.41 -0.23 -1.16
CA LYS A 62 -8.76 -1.22 -2.22
CA LYS A 62 -8.85 -1.37 -1.86
C LYS A 62 -9.56 -1.39 -3.52
C LYS A 62 -9.78 -1.59 -3.04
N VAL A 63 -8.94 -1.85 -4.60
N VAL A 63 -9.16 -1.81 -4.21
CA VAL A 63 -9.67 -2.04 -5.86
CA VAL A 63 -9.90 -1.85 -5.48
C VAL A 63 -10.84 -3.04 -5.68
C VAL A 63 -10.92 -2.99 -5.54
N HIS A 64 -10.59 -4.16 -5.00
CA HIS A 64 -11.57 -5.25 -4.90
C HIS A 64 -12.86 -4.92 -4.11
N LEU A 65 -12.83 -3.90 -3.26
CA LEU A 65 -14.02 -3.54 -2.49
C LEU A 65 -15.10 -2.82 -3.30
N VAL A 66 -14.73 -2.26 -4.47
CA VAL A 66 -15.70 -1.59 -5.33
C VAL A 66 -16.71 -2.60 -5.84
N GLN A 67 -16.20 -3.66 -6.45
CA GLN A 67 -17.06 -4.73 -6.93
C GLN A 67 -17.76 -5.46 -5.80
N GLN A 68 -17.06 -5.78 -4.71
CA GLN A 68 -17.68 -6.51 -3.61
C GLN A 68 -18.88 -5.73 -3.09
N HIS A 69 -18.69 -4.43 -2.83
CA HIS A 69 -19.76 -3.62 -2.27
C HIS A 69 -20.93 -3.44 -3.23
N LEU A 70 -20.65 -3.36 -4.52
CA LEU A 70 -21.71 -3.22 -5.52
C LEU A 70 -22.51 -4.50 -5.59
N GLU A 71 -21.83 -5.62 -5.84
CA GLU A 71 -22.50 -6.90 -6.07
C GLU A 71 -23.20 -7.47 -4.85
N LYS A 72 -22.66 -7.24 -3.66
CA LYS A 72 -23.23 -7.85 -2.44
C LYS A 72 -24.21 -6.96 -1.70
N GLU A 73 -24.08 -5.64 -1.85
CA GLU A 73 -24.92 -4.72 -1.08
C GLU A 73 -25.62 -3.65 -1.91
N PHE A 74 -24.86 -2.77 -2.55
CA PHE A 74 -25.41 -1.53 -3.13
C PHE A 74 -26.31 -1.75 -4.35
N HIS A 75 -26.12 -2.84 -5.08
CA HIS A 75 -26.98 -3.16 -6.24
C HIS A 75 -28.48 -3.10 -5.95
N VAL A 76 -28.91 -3.44 -4.72
CA VAL A 76 -30.34 -3.40 -4.35
C VAL A 76 -31.00 -2.04 -4.54
N LEU A 77 -30.22 -0.98 -4.48
CA LEU A 77 -30.71 0.37 -4.77
C LEU A 77 -31.18 0.60 -6.23
N ARG A 78 -30.81 -0.31 -7.13
CA ARG A 78 -31.20 -0.23 -8.55
C ARG A 78 -32.70 -0.43 -8.85
N ASP A 79 -33.48 -0.90 -7.89
CA ASP A 79 -34.96 -0.90 -8.03
C ASP A 79 -35.52 0.53 -8.25
N ALA A 80 -34.84 1.53 -7.70
CA ALA A 80 -35.26 2.93 -7.79
C ALA A 80 -34.20 3.94 -8.25
N PHE A 81 -32.91 3.60 -8.16
CA PHE A 81 -31.83 4.58 -8.30
C PHE A 81 -30.71 4.08 -9.22
N LYS A 82 -29.93 5.01 -9.74
CA LYS A 82 -28.82 4.69 -10.64
C LYS A 82 -27.53 4.59 -9.84
N VAL A 83 -26.91 3.42 -9.87
CA VAL A 83 -25.70 3.13 -9.12
C VAL A 83 -24.59 2.72 -10.10
N THR A 84 -23.46 3.42 -10.03
N THR A 84 -23.46 3.40 -10.03
CA THR A 84 -22.32 3.19 -10.91
CA THR A 84 -22.33 3.14 -10.92
C THR A 84 -21.06 2.92 -10.08
C THR A 84 -21.05 2.94 -10.11
N ALA A 85 -20.22 2.00 -10.54
CA ALA A 85 -18.92 1.71 -9.92
C ALA A 85 -17.80 2.21 -10.84
N VAL A 86 -16.77 2.83 -10.28
CA VAL A 86 -15.57 3.23 -11.03
C VAL A 86 -14.28 2.86 -10.28
N SER A 87 -13.42 2.10 -10.95
CA SER A 87 -12.07 1.82 -10.46
C SER A 87 -11.06 2.23 -11.54
N GLY A 88 -9.78 2.06 -11.21
CA GLY A 88 -8.70 2.31 -12.15
C GLY A 88 -8.75 1.57 -13.48
N ASP A 89 -8.98 0.25 -13.46
CA ASP A 89 -9.01 -0.58 -14.70
C ASP A 89 -9.98 -0.04 -15.75
N SER A 90 -11.23 0.21 -15.34
CA SER A 90 -12.27 0.76 -16.22
C SER A 90 -12.07 2.25 -16.56
N SER A 91 -11.52 3.00 -15.60
CA SER A 91 -11.35 4.49 -15.64
C SER A 91 -11.33 5.20 -17.01
N HIS A 92 -10.47 4.73 -17.92
CA HIS A 92 -10.07 5.51 -19.11
C HIS A 92 -11.18 5.80 -20.15
N LYS A 93 -12.33 5.14 -20.05
CA LYS A 93 -13.40 5.25 -21.07
C LYS A 93 -14.32 6.46 -20.85
N CYS A 94 -14.76 6.65 -19.61
CA CYS A 94 -15.62 7.77 -19.22
C CYS A 94 -14.84 8.84 -18.47
N PHE A 95 -15.29 10.09 -18.59
CA PHE A 95 -14.88 11.16 -17.70
C PHE A 95 -15.68 10.96 -16.41
N PHE A 96 -15.01 11.01 -15.25
CA PHE A 96 -15.62 10.74 -13.94
C PHE A 96 -16.77 11.71 -13.59
N GLY A 97 -16.58 12.98 -13.92
CA GLY A 97 -17.60 14.02 -13.69
C GLY A 97 -18.93 13.71 -14.34
N GLN A 98 -18.88 13.34 -15.62
CA GLN A 98 -20.07 12.93 -16.37
C GLN A 98 -20.77 11.71 -15.76
N LEU A 99 -19.98 10.73 -15.32
CA LEU A 99 -20.50 9.47 -14.79
C LEU A 99 -21.20 9.68 -13.43
N ALA A 100 -20.56 10.48 -12.58
CA ALA A 100 -21.09 10.79 -11.25
C ALA A 100 -22.37 11.59 -11.35
N LYS A 101 -22.33 12.68 -12.12
CA LYS A 101 -23.49 13.55 -12.29
C LYS A 101 -24.68 12.82 -12.92
N GLY A 102 -24.42 11.84 -13.76
CA GLY A 102 -25.46 10.95 -14.27
C GLY A 102 -25.94 9.83 -13.34
N SER A 103 -25.41 9.77 -12.11
CA SER A 103 -25.73 8.71 -11.15
C SER A 103 -26.33 9.32 -9.89
N ASP A 104 -27.09 8.49 -9.16
CA ASP A 104 -27.53 8.82 -7.79
C ASP A 104 -26.52 8.34 -6.74
N VAL A 105 -25.85 7.23 -7.03
CA VAL A 105 -24.80 6.67 -6.16
C VAL A 105 -23.60 6.30 -7.02
N VAL A 106 -22.42 6.80 -6.64
CA VAL A 106 -21.14 6.38 -7.27
C VAL A 106 -20.27 5.68 -6.23
N ILE A 107 -19.74 4.52 -6.58
CA ILE A 107 -18.81 3.77 -5.71
C ILE A 107 -17.43 3.80 -6.38
N CYS A 108 -16.40 4.23 -5.63
CA CYS A 108 -15.04 4.30 -6.19
C CYS A 108 -13.96 4.24 -5.12
N THR A 109 -12.73 3.88 -5.53
CA THR A 109 -11.57 4.06 -4.68
C THR A 109 -11.39 5.56 -4.46
N ALA A 110 -10.97 5.95 -3.28
CA ALA A 110 -10.89 7.37 -2.93
C ALA A 110 -10.05 8.23 -3.88
N GLN A 111 -8.92 7.71 -4.35
N GLN A 111 -8.93 7.69 -4.35
CA GLN A 111 -8.03 8.50 -5.22
CA GLN A 111 -8.01 8.44 -5.22
C GLN A 111 -8.71 8.87 -6.56
C GLN A 111 -8.65 8.82 -6.58
N ILE A 112 -9.63 8.04 -7.03
CA ILE A 112 -10.42 8.37 -8.25
C ILE A 112 -11.19 9.67 -8.04
N LEU A 113 -11.85 9.81 -6.89
CA LEU A 113 -12.55 11.05 -6.52
C LEU A 113 -11.61 12.24 -6.35
N GLN A 114 -10.49 12.03 -5.68
N GLN A 114 -10.49 12.04 -5.68
CA GLN A 114 -9.49 13.08 -5.47
CA GLN A 114 -9.50 13.11 -5.47
C GLN A 114 -8.95 13.61 -6.80
C GLN A 114 -8.92 13.62 -6.79
N ASN A 115 -8.67 12.71 -7.74
CA ASN A 115 -8.25 13.12 -9.10
C ASN A 115 -9.27 14.04 -9.78
N ALA A 116 -10.56 13.68 -9.69
CA ALA A 116 -11.65 14.52 -10.21
C ALA A 116 -11.78 15.85 -9.50
N LEU A 117 -11.62 15.85 -8.18
CA LEU A 117 -11.59 17.10 -7.40
C LEU A 117 -10.45 18.05 -7.78
N LEU A 118 -9.34 17.53 -8.30
CA LEU A 118 -8.19 18.34 -8.71
C LEU A 118 -8.12 18.58 -10.22
N SER A 119 -9.04 18.00 -10.99
CA SER A 119 -8.94 18.04 -12.44
C SER A 119 -9.12 19.45 -13.00
N GLY A 120 -8.33 19.77 -14.02
CA GLY A 120 -8.48 21.02 -14.80
C GLY A 120 -9.54 20.96 -15.90
N GLU A 121 -9.81 19.78 -16.44
CA GLU A 121 -10.80 19.60 -17.51
C GLU A 121 -12.23 19.71 -16.97
N GLU A 122 -13.10 20.37 -17.73
CA GLU A 122 -14.49 20.65 -17.32
C GLU A 122 -15.30 19.37 -17.18
N GLU A 123 -15.06 18.42 -18.07
CA GLU A 123 -15.89 17.20 -18.14
C GLU A 123 -15.55 16.19 -17.03
N ALA A 124 -14.33 16.29 -16.48
CA ALA A 124 -13.83 15.40 -15.42
C ALA A 124 -14.02 15.97 -14.00
N ARG A 125 -14.02 17.29 -13.88
CA ARG A 125 -14.03 17.99 -12.59
C ARG A 125 -15.31 17.73 -11.80
N VAL A 126 -15.16 17.68 -10.47
N VAL A 126 -15.18 17.63 -10.47
CA VAL A 126 -16.27 17.59 -9.53
CA VAL A 126 -16.33 17.68 -9.57
C VAL A 126 -15.94 18.50 -8.34
C VAL A 126 -15.95 18.51 -8.36
N GLU A 127 -16.96 18.94 -7.61
CA GLU A 127 -16.76 19.62 -6.32
C GLU A 127 -17.40 18.72 -5.26
N LEU A 128 -17.02 18.92 -4.01
CA LEU A 128 -17.66 18.24 -2.90
C LEU A 128 -19.18 18.51 -2.83
N THR A 129 -19.59 19.73 -3.22
CA THR A 129 -21.00 20.13 -3.25
C THR A 129 -21.84 19.44 -4.32
N ASP A 130 -21.20 18.72 -5.25
CA ASP A 130 -21.95 17.83 -6.16
C ASP A 130 -22.46 16.53 -5.48
N PHE A 131 -22.16 16.34 -4.19
CA PHE A 131 -22.66 15.20 -3.44
C PHE A 131 -23.34 15.70 -2.19
N SER A 132 -24.40 15.02 -1.77
CA SER A 132 -25.09 15.37 -0.53
C SER A 132 -24.73 14.42 0.64
N LEU A 133 -24.14 13.28 0.33
CA LEU A 133 -23.68 12.29 1.32
C LEU A 133 -22.39 11.64 0.83
N LEU A 134 -21.38 11.60 1.70
CA LEU A 134 -20.18 10.80 1.48
C LEU A 134 -20.12 9.66 2.47
N VAL A 135 -20.00 8.44 1.96
CA VAL A 135 -19.78 7.26 2.78
C VAL A 135 -18.30 6.90 2.63
N ILE A 136 -17.59 6.81 3.76
CA ILE A 136 -16.16 6.53 3.77
C ILE A 136 -15.94 5.19 4.47
N ASP A 137 -15.60 4.16 3.70
CA ASP A 137 -15.42 2.81 4.24
C ASP A 137 -14.04 2.74 4.87
N GLU A 138 -13.88 1.94 5.93
CA GLU A 138 -12.61 1.81 6.66
C GLU A 138 -12.06 3.21 6.94
N CYS A 139 -12.87 4.02 7.62
CA CYS A 139 -12.62 5.47 7.78
C CYS A 139 -11.49 5.83 8.76
N HIS A 140 -10.98 4.83 9.46
CA HIS A 140 -9.76 5.01 10.28
C HIS A 140 -8.52 5.43 9.50
N HIS A 141 -8.52 5.24 8.19
CA HIS A 141 -7.44 5.76 7.33
C HIS A 141 -7.52 7.28 7.09
N THR A 142 -8.58 7.93 7.57
CA THR A 142 -8.72 9.38 7.45
C THR A 142 -7.84 10.13 8.46
N GLN A 143 -6.52 10.04 8.27
N GLN A 143 -6.53 10.12 8.22
CA GLN A 143 -5.51 10.70 9.11
CA GLN A 143 -5.54 10.76 9.07
C GLN A 143 -4.31 11.06 8.24
C GLN A 143 -4.31 11.06 8.23
N LYS A 144 -3.46 11.95 8.74
CA LYS A 144 -2.20 12.34 8.10
C LYS A 144 -2.39 12.82 6.66
N GLU A 145 -1.60 12.33 5.71
CA GLU A 145 -1.71 12.76 4.32
C GLU A 145 -2.23 11.66 3.40
N ALA A 146 -2.98 10.70 3.96
CA ALA A 146 -3.66 9.70 3.16
C ALA A 146 -4.75 10.39 2.36
N VAL A 147 -5.09 9.79 1.21
N VAL A 147 -5.11 9.81 1.23
CA VAL A 147 -6.08 10.32 0.28
CA VAL A 147 -6.05 10.45 0.30
C VAL A 147 -7.40 10.70 0.98
C VAL A 147 -7.43 10.71 0.96
N TYR A 148 -7.91 9.79 1.81
CA TYR A 148 -9.12 10.05 2.63
C TYR A 148 -9.03 11.38 3.37
N ASN A 149 -7.88 11.64 3.99
CA ASN A 149 -7.69 12.88 4.74
C ASN A 149 -7.41 14.12 3.90
N LYS A 150 -6.86 13.94 2.71
CA LYS A 150 -6.73 15.06 1.77
C LYS A 150 -8.10 15.53 1.28
N ILE A 151 -9.00 14.59 1.03
CA ILE A 151 -10.39 14.93 0.68
C ILE A 151 -11.06 15.65 1.86
N MET A 152 -10.93 15.08 3.06
CA MET A 152 -11.61 15.67 4.22
C MET A 152 -10.99 16.97 4.71
N LEU A 153 -9.70 17.20 4.49
CA LEU A 153 -9.09 18.45 4.92
C LEU A 153 -9.61 19.61 4.07
N SER A 154 -9.78 19.37 2.78
CA SER A 154 -10.49 20.29 1.90
C SER A 154 -11.92 20.59 2.38
N TYR A 155 -12.60 19.56 2.90
CA TYR A 155 -13.93 19.72 3.49
C TYR A 155 -13.85 20.63 4.72
N LEU A 156 -12.86 20.42 5.58
CA LEU A 156 -12.69 21.26 6.77
C LEU A 156 -12.36 22.73 6.40
N GLN A 157 -11.46 22.92 5.44
CA GLN A 157 -11.09 24.27 4.95
C GLN A 157 -12.34 25.01 4.51
N LYS A 158 -13.15 24.35 3.68
CA LYS A 158 -14.42 24.90 3.24
C LYS A 158 -15.41 25.16 4.40
N LYS A 159 -15.55 24.19 5.30
CA LYS A 159 -16.45 24.35 6.44
C LYS A 159 -16.05 25.57 7.25
N LEU A 160 -14.80 25.62 7.68
CA LEU A 160 -14.31 26.73 8.50
C LEU A 160 -14.41 28.10 7.80
N SER A 161 -14.35 28.12 6.48
CA SER A 161 -14.53 29.35 5.71
C SER A 161 -16.00 29.71 5.41
N GLY A 162 -16.95 29.10 6.12
CA GLY A 162 -18.37 29.44 6.01
C GLY A 162 -19.19 28.71 4.96
N GLN A 163 -18.57 27.93 4.08
CA GLN A 163 -19.27 27.21 3.00
C GLN A 163 -20.49 26.43 3.47
N ARG A 164 -21.57 26.50 2.68
CA ARG A 164 -22.81 25.77 2.93
C ARG A 164 -23.01 24.64 1.92
N ASP A 165 -24.02 23.81 2.19
CA ASP A 165 -24.30 22.54 1.49
C ASP A 165 -23.10 21.63 1.12
N LEU A 166 -22.16 21.50 2.05
CA LEU A 166 -21.21 20.38 2.02
C LEU A 166 -21.98 19.09 2.35
N PRO A 167 -21.52 17.95 1.86
CA PRO A 167 -22.25 16.70 2.14
C PRO A 167 -22.22 16.26 3.61
N GLN A 168 -23.22 15.44 3.97
CA GLN A 168 -23.19 14.66 5.19
C GLN A 168 -22.09 13.60 5.09
N ILE A 169 -21.40 13.35 6.20
CA ILE A 169 -20.33 12.34 6.29
C ILE A 169 -20.77 11.12 7.11
N LEU A 170 -20.66 9.93 6.51
CA LEU A 170 -20.90 8.66 7.20
C LEU A 170 -19.63 7.79 7.10
N GLY A 171 -18.84 7.76 8.17
CA GLY A 171 -17.63 6.91 8.21
C GLY A 171 -17.98 5.55 8.78
N LEU A 172 -17.33 4.50 8.27
CA LEU A 172 -17.56 3.14 8.76
C LEU A 172 -16.24 2.54 9.17
N THR A 173 -16.18 2.00 10.39
CA THR A 173 -14.99 1.29 10.85
C THR A 173 -15.27 0.39 12.04
N ALA A 174 -14.51 -0.68 12.15
CA ALA A 174 -14.46 -1.49 13.36
C ALA A 174 -13.36 -1.06 14.35
N SER A 175 -12.44 -0.19 13.90
CA SER A 175 -11.18 0.03 14.63
C SER A 175 -10.54 1.40 14.34
N PRO A 176 -10.98 2.45 15.06
CA PRO A 176 -10.34 3.76 14.95
C PRO A 176 -8.86 3.75 15.35
N GLY A 177 -8.48 2.85 16.24
CA GLY A 177 -7.09 2.68 16.65
C GLY A 177 -6.71 3.61 17.80
N THR A 178 -5.47 3.49 18.29
CA THR A 178 -4.90 4.44 19.24
C THR A 178 -3.83 5.35 18.63
N GLY A 179 -3.55 5.23 17.34
CA GLY A 179 -2.51 6.03 16.68
C GLY A 179 -1.12 5.98 17.30
N GLY A 180 -0.72 4.80 17.78
CA GLY A 180 0.58 4.62 18.44
C GLY A 180 0.63 4.99 19.92
N GLU A 181 -0.49 5.50 20.47
CA GLU A 181 -0.54 5.95 21.85
C GLU A 181 -0.82 4.77 22.74
N THR A 182 -0.17 4.75 23.90
CA THR A 182 -0.32 3.66 24.88
C THR A 182 -0.96 4.10 26.20
N SER A 183 -1.21 5.40 26.38
CA SER A 183 -1.95 5.91 27.54
C SER A 183 -3.40 6.17 27.18
N PHE A 184 -4.24 6.19 28.19
CA PHE A 184 -5.63 6.58 28.05
C PHE A 184 -5.75 8.00 27.48
N GLU A 185 -4.94 8.93 27.99
CA GLU A 185 -4.93 10.35 27.56
C GLU A 185 -4.67 10.44 26.07
N GLY A 186 -3.58 9.82 25.64
CA GLY A 186 -3.20 9.79 24.24
C GLY A 186 -4.24 9.18 23.34
N ALA A 187 -4.81 8.05 23.77
CA ALA A 187 -5.79 7.32 22.97
C ALA A 187 -7.04 8.15 22.78
N VAL A 188 -7.49 8.79 23.86
CA VAL A 188 -8.63 9.70 23.81
C VAL A 188 -8.34 10.83 22.80
N GLU A 189 -7.16 11.42 22.91
CA GLU A 189 -6.71 12.48 22.02
C GLU A 189 -6.70 12.03 20.55
N HIS A 190 -6.24 10.79 20.30
CA HIS A 190 -6.34 10.21 18.96
C HIS A 190 -7.79 10.03 18.43
N ILE A 191 -8.71 9.55 19.27
CA ILE A 191 -10.10 9.39 18.85
C ILE A 191 -10.70 10.74 18.45
N LEU A 192 -10.43 11.76 19.23
CA LEU A 192 -10.94 13.10 18.95
C LEU A 192 -10.38 13.67 17.65
N GLN A 193 -9.10 13.41 17.37
CA GLN A 193 -8.48 13.81 16.09
C GLN A 193 -9.18 13.18 14.87
N ILE A 194 -9.53 11.90 14.96
N ILE A 194 -9.50 11.90 14.96
CA ILE A 194 -10.26 11.20 13.89
CA ILE A 194 -10.26 11.20 13.93
C ILE A 194 -11.66 11.81 13.74
C ILE A 194 -11.67 11.77 13.75
N CYS A 195 -12.32 12.07 14.88
CA CYS A 195 -13.63 12.76 14.85
C CYS A 195 -13.51 14.12 14.16
N ALA A 196 -12.48 14.88 14.55
CA ALA A 196 -12.20 16.18 13.93
C ALA A 196 -11.97 16.07 12.44
N ASN A 197 -11.14 15.12 12.03
CA ASN A 197 -10.84 14.90 10.61
C ASN A 197 -12.08 14.55 9.77
N LEU A 198 -13.01 13.79 10.35
CA LEU A 198 -14.21 13.36 9.67
C LEU A 198 -15.43 14.26 9.93
N ASP A 199 -15.23 15.37 10.65
CA ASP A 199 -16.29 16.29 11.08
C ASP A 199 -17.45 15.58 11.75
N THR A 200 -17.10 14.72 12.69
CA THR A 200 -18.03 13.80 13.33
C THR A 200 -18.80 14.52 14.44
N GLU A 201 -20.13 14.38 14.42
CA GLU A 201 -20.99 14.86 15.50
C GLU A 201 -21.23 13.74 16.53
N VAL A 202 -21.36 12.49 16.06
CA VAL A 202 -21.66 11.35 16.94
C VAL A 202 -20.91 10.08 16.48
N ILE A 203 -20.20 9.44 17.42
CA ILE A 203 -19.77 8.05 17.24
C ILE A 203 -20.90 7.12 17.65
N ALA A 204 -21.52 6.46 16.66
CA ALA A 204 -22.69 5.61 16.88
C ALA A 204 -22.27 4.13 16.97
N SER A 205 -22.70 3.47 18.04
CA SER A 205 -22.40 2.04 18.25
C SER A 205 -23.64 1.28 18.72
N ALA A 206 -23.46 0.02 19.11
CA ALA A 206 -24.56 -0.80 19.61
C ALA A 206 -24.49 -0.80 21.12
N GLN A 207 -25.05 0.25 21.73
CA GLN A 207 -25.06 0.36 23.18
C GLN A 207 -26.25 -0.44 23.72
N GLU A 208 -27.44 -0.16 23.21
CA GLU A 208 -28.68 -0.88 23.61
C GLU A 208 -28.90 -2.28 23.01
N HIS A 209 -28.17 -2.65 21.95
CA HIS A 209 -28.22 -4.02 21.38
C HIS A 209 -26.85 -4.74 21.50
N ALA A 210 -26.11 -4.45 22.57
CA ALA A 210 -24.78 -5.02 22.80
C ALA A 210 -24.76 -6.55 23.04
N GLN A 211 -25.89 -7.09 23.53
CA GLN A 211 -26.05 -8.54 23.76
C GLN A 211 -26.34 -9.33 22.48
N HIS A 212 -27.23 -8.81 21.63
CA HIS A 212 -27.49 -9.42 20.31
C HIS A 212 -26.21 -9.40 19.46
N LEU A 213 -25.47 -8.28 19.51
CA LEU A 213 -24.20 -8.14 18.79
C LEU A 213 -23.09 -9.09 19.28
N GLN A 214 -23.06 -9.39 20.60
CA GLN A 214 -22.07 -10.33 21.16
C GLN A 214 -22.29 -11.76 20.63
N SER A 215 -23.47 -12.33 20.91
CA SER A 215 -23.81 -13.69 20.47
C SER A 215 -24.51 -13.69 19.09
N HIS A 216 -23.72 -13.32 18.07
CA HIS A 216 -24.17 -13.25 16.67
C HIS A 216 -22.95 -13.07 15.76
N VAL A 217 -22.16 -12.03 16.04
CA VAL A 217 -20.89 -11.77 15.36
C VAL A 217 -19.79 -12.53 16.15
N PRO A 218 -19.40 -13.74 15.68
CA PRO A 218 -18.49 -14.54 16.50
C PRO A 218 -17.03 -14.04 16.48
N GLN A 219 -16.34 -14.26 17.60
CA GLN A 219 -14.90 -14.04 17.68
C GLN A 219 -14.18 -15.37 17.35
N PRO A 220 -13.12 -15.31 16.53
CA PRO A 220 -12.31 -16.52 16.37
C PRO A 220 -11.57 -16.85 17.67
N THR A 221 -11.32 -18.13 17.96
CA THR A 221 -10.41 -18.49 19.07
C THR A 221 -8.97 -18.30 18.60
N LYS A 222 -8.11 -17.83 19.50
CA LYS A 222 -6.78 -17.36 19.16
C LYS A 222 -5.73 -18.29 19.75
N GLN A 223 -4.68 -18.56 18.96
CA GLN A 223 -3.57 -19.39 19.40
C GLN A 223 -2.25 -18.81 18.88
N TYR A 224 -1.21 -18.93 19.72
CA TYR A 224 0.16 -18.57 19.36
C TYR A 224 0.84 -19.86 18.93
N ASP A 225 1.27 -19.92 17.67
CA ASP A 225 2.03 -21.05 17.13
C ASP A 225 3.46 -20.61 16.98
N LEU A 226 4.21 -20.71 18.07
CA LEU A 226 5.56 -20.17 18.11
C LEU A 226 6.55 -21.17 17.51
N CYS A 227 7.60 -20.65 16.86
CA CYS A 227 8.64 -21.50 16.29
C CYS A 227 9.99 -21.11 16.87
N GLN A 228 10.93 -22.03 16.79
CA GLN A 228 12.30 -21.79 17.29
C GLN A 228 13.22 -21.49 16.13
N GLU A 229 14.30 -20.79 16.44
CA GLU A 229 15.39 -20.58 15.49
C GLU A 229 15.95 -21.94 15.08
N ARG A 230 16.38 -22.06 13.84
CA ARG A 230 17.14 -23.26 13.41
C ARG A 230 18.33 -23.55 14.32
N GLU A 231 18.45 -24.80 14.76
CA GLU A 231 19.67 -25.26 15.42
C GLU A 231 20.89 -25.03 14.53
N GLN A 232 20.82 -25.54 13.30
CA GLN A 232 21.90 -25.46 12.33
C GLN A 232 21.45 -24.76 11.05
N ASP A 233 22.12 -23.67 10.71
CA ASP A 233 21.84 -22.90 9.50
C ASP A 233 23.14 -22.68 8.70
N PRO A 234 23.71 -23.77 8.17
CA PRO A 234 24.93 -23.65 7.37
C PRO A 234 24.78 -22.81 6.10
N PHE A 235 23.59 -22.79 5.51
CA PHE A 235 23.34 -21.90 4.36
C PHE A 235 23.50 -20.43 4.77
N GLY A 236 22.88 -20.05 5.88
CA GLY A 236 22.99 -18.69 6.42
C GLY A 236 24.39 -18.34 6.84
N GLN A 237 25.02 -19.26 7.60
CA GLN A 237 26.40 -19.12 8.05
C GLN A 237 27.34 -18.86 6.89
N ARG A 238 27.16 -19.55 5.78
CA ARG A 238 28.01 -19.36 4.60
C ARG A 238 27.80 -18.00 3.94
N LEU A 239 26.54 -17.57 3.83
CA LEU A 239 26.27 -16.23 3.31
C LEU A 239 26.98 -15.17 4.16
N LYS A 240 26.95 -15.34 5.47
CA LYS A 240 27.61 -14.39 6.39
C LYS A 240 29.11 -14.34 6.24
N LYS A 241 29.75 -15.50 6.07
CA LYS A 241 31.20 -15.53 5.74
C LYS A 241 31.54 -14.72 4.49
N ILE A 242 30.75 -14.89 3.43
N ILE A 242 30.76 -14.90 3.42
CA ILE A 242 31.01 -14.20 2.17
CA ILE A 242 31.02 -14.20 2.17
C ILE A 242 30.86 -12.69 2.33
C ILE A 242 30.86 -12.69 2.32
N MET A 243 29.83 -12.28 3.07
CA MET A 243 29.58 -10.85 3.36
C MET A 243 30.78 -10.22 4.10
N ALA A 244 31.36 -10.96 5.06
CA ALA A 244 32.59 -10.55 5.73
C ALA A 244 33.80 -10.46 4.78
N GLN A 245 33.96 -11.44 3.89
CA GLN A 245 35.04 -11.41 2.89
C GLN A 245 34.93 -10.20 1.98
N ILE A 246 33.72 -9.86 1.57
CA ILE A 246 33.52 -8.70 0.72
C ILE A 246 33.87 -7.41 1.49
N GLN A 247 33.49 -7.34 2.76
CA GLN A 247 33.75 -6.14 3.56
C GLN A 247 35.26 -5.92 3.84
N GLU A 248 36.00 -7.01 4.08
CA GLU A 248 37.48 -6.96 4.12
C GLU A 248 38.10 -6.34 2.87
N HIS A 249 37.67 -6.80 1.70
CA HIS A 249 38.13 -6.29 0.40
C HIS A 249 37.85 -4.78 0.24
N MET A 250 36.72 -4.32 0.80
CA MET A 250 36.37 -2.89 0.73
C MET A 250 37.36 -1.96 1.46
N GLU A 251 38.04 -2.50 2.48
CA GLU A 251 39.08 -1.77 3.21
C GLU A 251 38.50 -0.47 3.79
N MET A 252 37.51 -0.65 4.66
CA MET A 252 36.85 0.46 5.34
C MET A 252 36.57 0.08 6.78
N PRO A 253 36.94 0.95 7.74
CA PRO A 253 36.60 0.72 9.15
C PRO A 253 35.17 1.19 9.40
N GLU A 254 34.60 0.75 10.52
CA GLU A 254 33.22 1.09 10.92
C GLU A 254 32.14 0.59 9.95
N LEU A 255 32.41 -0.52 9.25
CA LEU A 255 31.39 -1.20 8.44
C LEU A 255 30.52 -2.06 9.38
N PRO A 256 29.19 -1.98 9.24
CA PRO A 256 28.30 -2.71 10.16
C PRO A 256 28.41 -4.22 10.04
N GLN A 257 28.12 -4.91 11.14
CA GLN A 257 28.38 -6.34 11.29
C GLN A 257 27.13 -7.20 11.48
N ASN A 258 25.95 -6.59 11.66
CA ASN A 258 24.72 -7.33 11.97
C ASN A 258 24.03 -7.89 10.71
N PHE A 259 24.73 -8.82 10.03
CA PHE A 259 24.29 -9.42 8.76
C PHE A 259 22.97 -10.14 8.96
N GLY A 260 22.07 -10.01 7.99
CA GLY A 260 20.75 -10.67 8.05
C GLY A 260 19.66 -9.90 8.77
N THR A 261 19.73 -8.56 8.78
CA THR A 261 18.77 -7.72 9.48
C THR A 261 18.36 -6.50 8.65
N GLN A 262 17.22 -5.93 9.01
CA GLN A 262 16.74 -4.70 8.41
C GLN A 262 17.64 -3.49 8.73
N VAL A 263 18.27 -3.48 9.90
CA VAL A 263 19.22 -2.42 10.27
C VAL A 263 20.46 -2.45 9.36
N TYR A 264 21.07 -3.62 9.18
CA TYR A 264 22.17 -3.76 8.24
C TYR A 264 21.74 -3.29 6.82
N GLU A 265 20.55 -3.69 6.39
N GLU A 265 20.55 -3.70 6.38
CA GLU A 265 20.02 -3.30 5.08
CA GLU A 265 20.05 -3.28 5.08
C GLU A 265 19.93 -1.77 4.92
C GLU A 265 19.98 -1.76 4.94
N GLN A 266 19.48 -1.09 5.98
CA GLN A 266 19.47 0.38 5.99
C GLN A 266 20.88 0.97 5.91
N ARG A 267 21.80 0.48 6.74
CA ARG A 267 23.17 1.02 6.76
C ARG A 267 23.85 0.86 5.42
N ILE A 268 23.67 -0.31 4.79
CA ILE A 268 24.35 -0.61 3.52
C ILE A 268 23.74 0.14 2.33
N VAL A 269 22.42 0.38 2.35
CA VAL A 269 21.81 1.25 1.32
C VAL A 269 22.25 2.71 1.51
N GLU A 270 22.31 3.16 2.76
CA GLU A 270 22.79 4.52 3.09
C GLU A 270 24.25 4.70 2.63
N LEU A 271 25.08 3.68 2.84
CA LEU A 271 26.44 3.69 2.26
C LEU A 271 26.43 3.81 0.72
N GLU A 272 25.62 3.00 0.05
CA GLU A 272 25.49 3.06 -1.41
C GLU A 272 25.05 4.43 -1.91
N ASN A 273 24.13 5.08 -1.19
CA ASN A 273 23.73 6.46 -1.51
C ASN A 273 24.90 7.44 -1.41
N ARG A 274 25.71 7.29 -0.36
CA ARG A 274 26.88 8.14 -0.12
C ARG A 274 27.94 7.96 -1.21
N ALA A 275 28.19 6.70 -1.56
CA ALA A 275 29.13 6.36 -2.63
C ALA A 275 28.68 6.88 -3.98
N ALA A 276 27.37 6.88 -4.24
CA ALA A 276 26.83 7.51 -5.44
C ALA A 276 27.06 9.02 -5.37
N GLU A 277 26.75 9.62 -4.22
CA GLU A 277 26.88 11.07 -4.05
C GLU A 277 28.31 11.60 -4.16
N ARG A 278 29.28 10.83 -3.66
CA ARG A 278 30.71 11.18 -3.79
C ARG A 278 31.41 10.51 -4.98
N PHE A 279 30.67 9.71 -5.74
CA PHE A 279 31.18 8.97 -6.89
C PHE A 279 32.39 8.06 -6.57
N CYS A 280 32.27 7.30 -5.48
N CYS A 280 32.24 7.28 -5.50
CA CYS A 280 33.21 6.21 -5.18
CA CYS A 280 33.17 6.21 -5.16
C CYS A 280 32.60 4.93 -5.77
C CYS A 280 32.60 4.92 -5.77
N ARG A 281 33.00 4.64 -7.00
CA ARG A 281 32.48 3.52 -7.80
C ARG A 281 32.70 2.15 -7.14
N LYS A 282 33.89 1.95 -6.58
CA LYS A 282 34.21 0.68 -5.94
C LYS A 282 33.29 0.40 -4.78
N THR A 283 33.14 1.37 -3.90
CA THR A 283 32.33 1.23 -2.70
C THR A 283 30.86 0.99 -3.08
N ARG A 284 30.37 1.76 -4.06
N ARG A 284 30.37 1.75 -4.07
CA ARG A 284 28.98 1.63 -4.50
CA ARG A 284 28.98 1.63 -4.50
C ARG A 284 28.64 0.23 -5.01
C ARG A 284 28.64 0.23 -5.01
N VAL A 285 29.52 -0.33 -5.83
CA VAL A 285 29.33 -1.66 -6.37
C VAL A 285 29.31 -2.73 -5.27
N CYS A 286 30.27 -2.69 -4.36
CA CYS A 286 30.29 -3.64 -3.23
C CYS A 286 29.06 -3.56 -2.32
N ALA A 287 28.61 -2.33 -2.07
CA ALA A 287 27.43 -2.11 -1.27
C ALA A 287 26.20 -2.74 -1.95
N LEU A 288 26.09 -2.58 -3.27
CA LEU A 288 24.98 -3.15 -4.04
C LEU A 288 24.91 -4.67 -3.95
N HIS A 289 26.08 -5.29 -3.98
CA HIS A 289 26.17 -6.75 -3.89
C HIS A 289 25.86 -7.22 -2.48
N LEU A 290 26.44 -6.55 -1.49
CA LEU A 290 26.22 -6.88 -0.08
C LEU A 290 24.74 -6.83 0.28
N ARG A 291 24.01 -5.89 -0.31
CA ARG A 291 22.58 -5.79 -0.10
C ARG A 291 21.84 -7.03 -0.60
N ARG A 292 22.30 -7.54 -1.74
CA ARG A 292 21.72 -8.72 -2.32
C ARG A 292 21.97 -9.95 -1.44
N TYR A 293 23.17 -10.08 -0.88
CA TYR A 293 23.43 -11.13 0.10
C TYR A 293 22.51 -11.01 1.33
N ASN A 294 22.24 -9.76 1.72
CA ASN A 294 21.38 -9.51 2.86
C ASN A 294 19.93 -9.85 2.59
N ASP A 295 19.46 -9.56 1.38
CA ASP A 295 18.10 -9.99 0.96
C ASP A 295 17.96 -11.52 1.08
N ALA A 296 18.98 -12.25 0.65
CA ALA A 296 18.97 -13.71 0.67
C ALA A 296 18.84 -14.26 2.12
N LEU A 297 19.57 -13.65 3.05
CA LEU A 297 19.45 -14.01 4.47
C LEU A 297 18.04 -13.80 5.01
N LEU A 298 17.42 -12.69 4.64
CA LEU A 298 16.05 -12.36 5.03
C LEU A 298 15.02 -13.34 4.43
N ILE A 299 15.16 -13.63 3.14
CA ILE A 299 14.38 -14.67 2.47
C ILE A 299 14.63 -16.04 3.16
N ASN A 300 15.88 -16.33 3.47
CA ASN A 300 16.21 -17.56 4.20
C ASN A 300 15.48 -17.70 5.54
N ASP A 301 15.41 -16.62 6.30
CA ASP A 301 14.69 -16.64 7.59
C ASP A 301 13.14 -16.79 7.44
N THR A 302 12.61 -16.34 6.31
CA THR A 302 11.16 -16.31 6.03
C THR A 302 10.63 -17.57 5.34
N VAL A 303 11.33 -18.04 4.29
CA VAL A 303 10.87 -19.14 3.47
C VAL A 303 11.98 -20.20 3.30
N ARG A 304 12.20 -20.78 2.11
CA ARG A 304 13.14 -21.89 1.95
C ARG A 304 14.54 -21.37 1.64
N MET A 305 15.53 -22.17 1.98
CA MET A 305 16.90 -21.92 1.54
C MET A 305 17.01 -21.73 0.01
N MET A 306 16.30 -22.56 -0.76
CA MET A 306 16.37 -22.50 -2.23
C MET A 306 15.73 -21.24 -2.81
N ASP A 307 14.74 -20.69 -2.11
CA ASP A 307 14.19 -19.36 -2.43
C ASP A 307 15.26 -18.29 -2.29
N ALA A 308 16.01 -18.35 -1.20
CA ALA A 308 17.12 -17.44 -0.96
C ALA A 308 18.21 -17.65 -2.00
N PHE A 309 18.56 -18.91 -2.26
CA PHE A 309 19.58 -19.23 -3.25
C PHE A 309 19.26 -18.66 -4.63
N GLN A 310 18.00 -18.80 -5.07
CA GLN A 310 17.62 -18.37 -6.42
C GLN A 310 17.66 -16.86 -6.62
N CYS A 311 17.26 -16.09 -5.62
CA CYS A 311 17.46 -14.62 -5.63
C CYS A 311 18.93 -14.26 -5.88
N LEU A 312 19.84 -14.91 -5.15
CA LEU A 312 21.29 -14.67 -5.31
C LEU A 312 21.85 -15.07 -6.67
N GLN A 313 21.46 -16.27 -7.10
CA GLN A 313 21.93 -16.82 -8.38
C GLN A 313 21.42 -16.01 -9.59
N GLN A 314 20.16 -15.57 -9.58
CA GLN A 314 19.63 -14.73 -10.67
C GLN A 314 20.39 -13.41 -10.79
N PHE A 315 20.88 -12.88 -9.67
CA PHE A 315 21.68 -11.64 -9.66
C PHE A 315 23.00 -11.81 -10.41
N TYR A 316 23.73 -12.86 -10.09
CA TYR A 316 25.04 -13.14 -10.71
C TYR A 316 24.99 -13.75 -12.11
N ALA A 317 23.86 -14.29 -12.51
CA ALA A 317 23.71 -14.92 -13.81
C ALA A 317 23.41 -13.89 -14.90
N ASP A 318 22.74 -12.79 -14.53
CA ASP A 318 22.39 -11.72 -15.48
C ASP A 318 23.60 -10.98 -16.10
N LYS A 319 24.74 -10.97 -15.41
CA LYS A 319 25.92 -10.21 -15.83
C LYS A 319 26.66 -10.85 -17.00
N LYS A 323 35.49 -8.24 -16.77
CA LYS A 323 35.05 -6.87 -17.03
C LYS A 323 35.87 -5.85 -16.16
N ASP A 324 35.25 -5.10 -15.24
CA ASP A 324 36.01 -4.22 -14.30
C ASP A 324 36.46 -5.04 -13.07
N PRO A 325 37.59 -4.67 -12.42
CA PRO A 325 38.19 -5.54 -11.37
C PRO A 325 37.35 -5.81 -10.11
N THR A 326 36.51 -4.85 -9.70
CA THR A 326 35.66 -5.02 -8.51
C THR A 326 34.57 -6.07 -8.78
N GLU A 327 33.79 -5.86 -9.84
CA GLU A 327 32.75 -6.80 -10.26
C GLU A 327 33.28 -8.23 -10.45
N ARG A 328 34.49 -8.31 -10.99
CA ARG A 328 35.20 -9.57 -11.25
C ARG A 328 35.60 -10.28 -9.96
N PHE A 329 36.04 -9.51 -8.96
CA PHE A 329 36.27 -10.07 -7.63
C PHE A 329 34.97 -10.67 -7.06
N LEU A 330 33.88 -9.93 -7.23
CA LEU A 330 32.58 -10.33 -6.69
C LEU A 330 32.02 -11.55 -7.41
N ALA A 331 32.01 -11.54 -8.76
CA ALA A 331 31.57 -12.73 -9.55
C ALA A 331 32.32 -14.01 -9.15
N THR A 332 33.64 -13.90 -9.02
CA THR A 332 34.52 -15.02 -8.64
C THR A 332 34.20 -15.52 -7.25
N THR A 333 33.98 -14.59 -6.33
CA THR A 333 33.63 -14.92 -4.95
C THR A 333 32.31 -15.71 -4.89
N PHE A 334 31.32 -15.32 -5.68
CA PHE A 334 30.06 -16.08 -5.71
C PHE A 334 30.28 -17.47 -6.31
N GLU A 335 30.95 -17.51 -7.47
CA GLU A 335 31.26 -18.77 -8.16
C GLU A 335 31.98 -19.76 -7.25
N GLU A 336 32.94 -19.30 -6.45
CA GLU A 336 33.65 -20.15 -5.49
C GLU A 336 32.71 -20.86 -4.50
N ASN A 337 31.58 -20.22 -4.18
CA ASN A 337 30.64 -20.72 -3.16
C ASN A 337 29.32 -21.28 -3.70
N ARG A 338 29.05 -21.09 -5.00
CA ARG A 338 27.74 -21.35 -5.62
C ARG A 338 27.23 -22.78 -5.46
N ALA A 339 28.04 -23.75 -5.87
CA ALA A 339 27.63 -25.16 -5.81
C ALA A 339 27.36 -25.61 -4.37
N THR A 340 28.21 -25.17 -3.45
CA THR A 340 28.03 -25.53 -2.03
C THR A 340 26.74 -24.95 -1.47
N LEU A 341 26.43 -23.72 -1.83
CA LEU A 341 25.20 -23.08 -1.40
C LEU A 341 23.98 -23.84 -1.93
N GLN A 342 24.02 -24.23 -3.20
CA GLN A 342 22.87 -24.94 -3.79
C GLN A 342 22.63 -26.31 -3.14
N ALA A 343 23.73 -27.03 -2.87
CA ALA A 343 23.68 -28.33 -2.19
C ALA A 343 23.15 -28.22 -0.76
N LEU A 344 23.59 -27.19 -0.03
CA LEU A 344 23.04 -26.94 1.31
C LEU A 344 21.54 -26.66 1.26
N ALA A 345 21.11 -25.86 0.29
CA ALA A 345 19.68 -25.53 0.14
C ALA A 345 18.81 -26.74 -0.19
N GLY A 346 19.41 -27.76 -0.82
CA GLY A 346 18.73 -29.02 -1.09
C GLY A 346 18.53 -29.94 0.08
N ASP A 347 19.14 -29.65 1.22
CA ASP A 347 19.23 -30.59 2.35
C ASP A 347 18.13 -30.37 3.39
N GLN A 348 17.34 -31.40 3.64
CA GLN A 348 16.11 -31.28 4.45
C GLN A 348 16.41 -31.12 5.94
N ARG A 349 17.60 -31.52 6.35
CA ARG A 349 18.05 -31.34 7.73
C ARG A 349 17.98 -29.89 8.22
N TYR A 350 18.14 -28.93 7.31
CA TYR A 350 18.23 -27.51 7.67
C TYR A 350 16.96 -26.73 7.33
N GLU A 351 15.82 -27.42 7.44
CA GLU A 351 14.51 -26.88 7.13
C GLU A 351 14.14 -25.71 8.02
N ASN A 352 13.44 -24.75 7.45
CA ASN A 352 12.96 -23.58 8.18
C ASN A 352 11.81 -23.99 9.12
N PRO A 353 12.00 -23.82 10.45
CA PRO A 353 10.93 -24.18 11.38
C PRO A 353 9.67 -23.29 11.29
N ARG A 354 9.75 -22.11 10.69
CA ARG A 354 8.54 -21.38 10.30
C ARG A 354 7.67 -22.27 9.42
N LEU A 355 8.31 -22.90 8.42
CA LEU A 355 7.63 -23.76 7.45
C LEU A 355 7.14 -25.10 8.05
N SER A 356 7.97 -25.75 8.86
CA SER A 356 7.53 -26.95 9.62
C SER A 356 6.26 -26.65 10.42
N LYS A 357 6.25 -25.49 11.08
CA LYS A 357 5.10 -25.08 11.90
C LYS A 357 3.87 -24.81 11.04
N LEU A 358 4.04 -24.12 9.92
CA LEU A 358 2.94 -23.90 8.97
C LEU A 358 2.38 -25.22 8.42
N GLU A 359 3.27 -26.18 8.15
CA GLU A 359 2.82 -27.52 7.73
C GLU A 359 1.92 -28.19 8.77
N GLU A 360 2.32 -28.18 10.05
CA GLU A 360 1.47 -28.77 11.11
C GLU A 360 0.08 -28.17 11.11
N ILE A 361 0.00 -26.84 11.03
CA ILE A 361 -1.30 -26.13 11.08
C ILE A 361 -2.20 -26.61 9.92
N LEU A 362 -1.66 -26.59 8.71
CA LEU A 362 -2.40 -26.97 7.52
C LEU A 362 -2.79 -28.44 7.52
N GLN A 363 -1.84 -29.29 7.95
CA GLN A 363 -2.13 -30.72 8.19
C GLN A 363 -3.26 -30.95 9.16
N GLU A 364 -3.31 -30.19 10.24
CA GLU A 364 -4.36 -30.39 11.23
C GLU A 364 -5.72 -29.86 10.78
N HIS A 365 -5.72 -28.77 10.03
CA HIS A 365 -6.97 -28.09 9.71
C HIS A 365 -7.51 -28.32 8.31
N PHE A 366 -6.71 -28.84 7.38
CA PHE A 366 -7.23 -29.24 6.08
C PHE A 366 -7.34 -30.78 6.00
N GLN A 367 -7.72 -31.40 7.12
CA GLN A 367 -8.28 -32.76 7.17
C GLN A 367 -9.57 -32.70 8.03
N PRO A 368 -10.72 -33.16 7.53
CA PRO A 368 -10.90 -33.80 6.21
C PRO A 368 -10.46 -32.89 5.04
N PRO A 369 -10.00 -33.50 3.93
CA PRO A 369 -9.15 -32.88 2.86
C PRO A 369 -9.28 -31.37 2.57
N GLY A 370 -10.50 -30.82 2.64
CA GLY A 370 -10.69 -29.39 2.47
C GLY A 370 -12.06 -28.90 2.86
N SER A 371 -12.42 -29.08 4.14
CA SER A 371 -13.61 -28.47 4.73
C SER A 371 -13.28 -27.04 5.19
N SER A 372 -12.10 -26.88 5.80
CA SER A 372 -11.55 -25.54 6.10
C SER A 372 -11.38 -24.61 4.89
N ARG A 373 -11.40 -23.31 5.18
CA ARG A 373 -11.27 -22.24 4.20
C ARG A 373 -10.42 -21.15 4.82
N GLY A 374 -9.21 -20.96 4.28
CA GLY A 374 -8.18 -20.20 4.99
C GLY A 374 -7.45 -19.11 4.21
N ILE A 375 -6.97 -18.11 4.94
CA ILE A 375 -6.04 -17.10 4.45
C ILE A 375 -4.79 -17.11 5.33
N VAL A 376 -3.65 -17.28 4.69
CA VAL A 376 -2.37 -17.06 5.33
C VAL A 376 -1.85 -15.72 4.85
N PHE A 377 -1.71 -14.77 5.78
CA PHE A 377 -1.21 -13.42 5.50
C PHE A 377 0.31 -13.36 5.60
N THR A 378 0.92 -12.76 4.59
N THR A 378 0.90 -12.78 4.55
CA THR A 378 2.33 -12.52 4.62
CA THR A 378 2.34 -12.53 4.46
C THR A 378 2.59 -11.05 4.28
C THR A 378 2.57 -11.04 4.31
N LYS A 379 3.79 -10.59 4.59
CA LYS A 379 4.16 -9.19 4.41
C LYS A 379 4.36 -8.83 2.94
N THR A 380 5.14 -9.63 2.23
CA THR A 380 5.55 -9.31 0.88
C THR A 380 4.87 -10.19 -0.16
N ARG A 381 4.72 -9.67 -1.38
CA ARG A 381 4.16 -10.44 -2.49
C ARG A 381 5.08 -11.62 -2.80
N GLN A 382 6.38 -11.38 -2.81
CA GLN A 382 7.37 -12.41 -3.05
C GLN A 382 7.22 -13.58 -2.05
N SER A 383 7.09 -13.28 -0.76
CA SER A 383 6.86 -14.33 0.23
C SER A 383 5.61 -15.16 -0.07
N ALA A 384 4.53 -14.50 -0.49
CA ALA A 384 3.28 -15.22 -0.78
C ALA A 384 3.45 -16.21 -1.95
N HIS A 385 4.11 -15.77 -3.02
CA HIS A 385 4.44 -16.66 -4.15
C HIS A 385 5.36 -17.82 -3.72
N SER A 386 6.35 -17.54 -2.87
CA SER A 386 7.26 -18.60 -2.41
C SER A 386 6.56 -19.67 -1.56
N LEU A 387 5.61 -19.22 -0.72
CA LEU A 387 4.82 -20.11 0.10
C LEU A 387 3.92 -21.02 -0.74
N LEU A 388 3.34 -20.47 -1.81
CA LEU A 388 2.56 -21.29 -2.74
C LEU A 388 3.44 -22.40 -3.32
N SER A 389 4.63 -22.04 -3.79
N SER A 389 4.63 -22.06 -3.79
CA SER A 389 5.58 -23.00 -4.34
CA SER A 389 5.58 -23.05 -4.35
C SER A 389 5.96 -24.07 -3.31
C SER A 389 6.02 -24.08 -3.33
N TRP A 390 6.25 -23.63 -2.09
CA TRP A 390 6.51 -24.53 -0.98
C TRP A 390 5.34 -25.53 -0.77
N LEU A 391 4.11 -25.02 -0.75
N LEU A 391 4.11 -25.02 -0.75
CA LEU A 391 2.94 -25.87 -0.59
CA LEU A 391 2.94 -25.87 -0.56
C LEU A 391 2.88 -26.96 -1.67
C LEU A 391 2.80 -26.94 -1.67
N GLN A 392 3.08 -26.53 -2.91
CA GLN A 392 3.05 -27.44 -4.05
C GLN A 392 4.21 -28.47 -4.10
N ASP A 393 5.39 -28.12 -3.59
N ASP A 393 5.38 -28.10 -3.56
CA ASP A 393 6.51 -29.08 -3.48
CA ASP A 393 6.53 -29.00 -3.48
C ASP A 393 6.70 -29.58 -2.04
C ASP A 393 6.67 -29.78 -2.15
N THR A 394 5.59 -29.86 -1.35
CA THR A 394 5.64 -30.47 0.00
C THR A 394 4.70 -31.68 0.03
N ALA A 395 5.30 -32.86 0.20
CA ALA A 395 4.59 -34.15 0.12
C ALA A 395 3.59 -34.37 1.26
N GLY A 396 3.96 -33.97 2.47
CA GLY A 396 3.09 -34.11 3.66
C GLY A 396 1.70 -33.51 3.54
N LEU A 397 1.55 -32.53 2.65
CA LEU A 397 0.26 -31.91 2.32
C LEU A 397 -0.30 -32.38 0.98
N CYS A 398 0.58 -32.73 0.03
CA CYS A 398 0.18 -33.36 -1.25
C CYS A 398 -0.37 -34.78 -1.01
N GLY A 399 -1.68 -34.87 -0.87
CA GLY A 399 -2.34 -36.10 -0.40
C GLY A 399 -3.70 -35.74 0.16
N GLN A 400 -3.69 -34.70 1.00
CA GLN A 400 -4.87 -33.89 1.28
C GLN A 400 -5.12 -33.02 0.03
N HIS A 401 -6.30 -32.42 -0.05
CA HIS A 401 -6.71 -31.69 -1.25
C HIS A 401 -6.80 -30.20 -0.96
N ILE A 402 -5.66 -29.51 -1.13
CA ILE A 402 -5.59 -28.06 -0.95
C ILE A 402 -5.41 -27.41 -2.30
N ARG A 403 -6.40 -26.63 -2.69
CA ARG A 403 -6.35 -25.84 -3.89
C ARG A 403 -6.07 -24.44 -3.41
N ALA A 404 -4.83 -24.00 -3.60
CA ALA A 404 -4.34 -22.72 -3.11
C ALA A 404 -4.03 -21.72 -4.24
N ALA A 405 -4.06 -20.44 -3.91
CA ALA A 405 -3.58 -19.40 -4.82
C ALA A 405 -3.07 -18.19 -4.07
N VAL A 406 -2.30 -17.37 -4.78
CA VAL A 406 -1.77 -16.11 -4.26
C VAL A 406 -2.76 -14.99 -4.51
N LEU A 407 -2.96 -14.14 -3.49
CA LEU A 407 -3.71 -12.89 -3.64
C LEU A 407 -2.82 -11.72 -3.24
N THR A 408 -2.56 -10.82 -4.19
CA THR A 408 -1.86 -9.58 -3.92
C THR A 408 -2.63 -8.42 -4.53
N GLY A 409 -2.24 -7.22 -4.16
CA GLY A 409 -2.74 -6.00 -4.77
C GLY A 409 -1.93 -5.68 -6.01
N SER A 410 -2.11 -4.45 -6.48
CA SER A 410 -1.47 -4.00 -7.73
C SER A 410 -0.04 -3.43 -7.52
N GLY A 411 0.54 -3.59 -6.33
CA GLY A 411 1.92 -3.19 -6.10
C GLY A 411 2.85 -3.99 -6.98
N HIS A 412 3.96 -3.38 -7.41
CA HIS A 412 4.83 -3.98 -8.42
C HIS A 412 6.29 -3.54 -8.30
N SER A 413 7.18 -4.49 -8.53
CA SER A 413 8.62 -4.26 -8.55
C SER A 413 9.28 -5.41 -9.33
N ASN A 414 10.60 -5.39 -9.45
CA ASN A 414 11.36 -6.49 -10.08
C ASN A 414 11.39 -7.78 -9.25
N GLN A 415 11.19 -7.68 -7.92
CA GLN A 415 11.11 -8.86 -7.03
C GLN A 415 9.81 -9.66 -7.21
N ALA A 416 8.71 -8.95 -7.50
CA ALA A 416 7.41 -9.55 -7.74
C ALA A 416 6.45 -8.56 -8.41
N LYS A 417 5.75 -9.02 -9.44
CA LYS A 417 4.71 -8.23 -10.08
C LYS A 417 3.43 -8.19 -9.25
N GLY A 418 2.49 -7.36 -9.69
CA GLY A 418 1.22 -7.19 -9.01
C GLY A 418 0.13 -8.05 -9.62
N MET A 419 -1.07 -7.87 -9.10
CA MET A 419 -2.27 -8.48 -9.67
C MET A 419 -3.27 -7.36 -9.98
N THR A 420 -3.84 -7.41 -11.18
CA THR A 420 -4.88 -6.45 -11.58
C THR A 420 -6.17 -6.68 -10.82
N GLN A 421 -7.07 -5.72 -10.94
CA GLN A 421 -8.45 -5.84 -10.50
C GLN A 421 -9.06 -7.19 -10.93
N ASN A 422 -9.03 -7.51 -12.23
CA ASN A 422 -9.66 -8.74 -12.73
C ASN A 422 -9.00 -10.00 -12.19
N GLU A 423 -7.67 -10.01 -12.14
CA GLU A 423 -6.94 -11.16 -11.61
C GLU A 423 -7.20 -11.39 -10.12
N GLN A 424 -7.24 -10.32 -9.33
CA GLN A 424 -7.67 -10.40 -7.92
C GLN A 424 -9.07 -10.98 -7.82
N GLN A 425 -9.97 -10.47 -8.65
CA GLN A 425 -11.38 -10.85 -8.58
C GLN A 425 -11.62 -12.31 -8.87
N ASP A 426 -10.84 -12.87 -9.80
CA ASP A 426 -10.92 -14.29 -10.16
C ASP A 426 -10.57 -15.16 -8.95
N VAL A 427 -9.47 -14.83 -8.27
CA VAL A 427 -9.05 -15.56 -7.06
C VAL A 427 -10.11 -15.47 -5.94
N ILE A 428 -10.61 -14.26 -5.70
CA ILE A 428 -11.63 -14.01 -4.69
C ILE A 428 -12.91 -14.82 -4.96
N THR A 429 -13.35 -14.84 -6.21
CA THR A 429 -14.59 -15.52 -6.58
C THR A 429 -14.49 -17.05 -6.40
N LEU A 430 -13.37 -17.63 -6.81
CA LEU A 430 -13.15 -19.07 -6.60
C LEU A 430 -12.94 -19.44 -5.13
N PHE A 431 -12.41 -18.51 -4.33
CA PHE A 431 -12.23 -18.72 -2.91
C PHE A 431 -13.58 -18.65 -2.18
N ARG A 432 -14.46 -17.76 -2.63
CA ARG A 432 -15.73 -17.51 -1.95
C ARG A 432 -16.57 -18.76 -1.68
N TYR A 433 -16.67 -19.66 -2.67
CA TYR A 433 -17.45 -20.90 -2.51
C TYR A 433 -16.63 -22.18 -2.51
N GLY A 434 -15.32 -22.07 -2.44
CA GLY A 434 -14.46 -23.21 -2.17
C GLY A 434 -13.80 -23.92 -3.33
N GLU A 435 -13.91 -23.36 -4.54
N GLU A 435 -13.86 -23.36 -4.53
CA GLU A 435 -13.12 -23.79 -5.70
CA GLU A 435 -13.06 -23.92 -5.63
C GLU A 435 -11.63 -23.69 -5.36
C GLU A 435 -11.58 -23.68 -5.41
N LEU A 436 -11.26 -22.60 -4.69
CA LEU A 436 -9.98 -22.49 -3.98
C LEU A 436 -10.35 -22.56 -2.51
N ASN A 437 -9.57 -23.25 -1.70
CA ASN A 437 -9.80 -23.25 -0.27
C ASN A 437 -8.69 -22.61 0.60
N LEU A 438 -7.64 -22.08 -0.04
CA LEU A 438 -6.54 -21.47 0.70
C LEU A 438 -5.91 -20.33 -0.10
N LEU A 439 -5.81 -19.16 0.51
CA LEU A 439 -5.06 -18.04 -0.07
C LEU A 439 -3.78 -17.73 0.68
N PHE A 440 -2.72 -17.43 -0.08
CA PHE A 440 -1.53 -16.78 0.42
C PHE A 440 -1.63 -15.32 0.00
N SER A 441 -1.86 -14.42 0.98
CA SER A 441 -2.24 -13.04 0.69
C SER A 441 -1.39 -11.97 1.38
N THR A 442 -1.24 -10.83 0.72
CA THR A 442 -0.64 -9.63 1.34
C THR A 442 -1.73 -8.92 2.15
N SER A 443 -1.39 -7.77 2.72
CA SER A 443 -2.36 -6.90 3.39
C SER A 443 -3.45 -6.35 2.46
N VAL A 444 -3.37 -6.61 1.15
CA VAL A 444 -4.46 -6.24 0.22
C VAL A 444 -5.83 -6.70 0.73
N ALA A 445 -5.87 -7.87 1.38
CA ALA A 445 -7.09 -8.48 1.86
C ALA A 445 -7.24 -8.49 3.39
N GLU A 446 -6.47 -7.70 4.13
CA GLU A 446 -6.60 -7.68 5.58
C GLU A 446 -7.89 -6.99 6.06
N GLU A 447 -8.41 -6.02 5.28
CA GLU A 447 -9.65 -5.29 5.62
C GLU A 447 -10.74 -5.47 4.57
N GLY A 448 -11.99 -5.49 5.01
CA GLY A 448 -13.12 -5.36 4.08
C GLY A 448 -13.57 -6.61 3.36
N LEU A 449 -12.64 -7.43 2.91
CA LEU A 449 -12.98 -8.68 2.21
C LEU A 449 -13.95 -9.53 3.03
N ASP A 450 -15.05 -9.93 2.42
CA ASP A 450 -16.09 -10.76 3.06
C ASP A 450 -16.23 -12.15 2.42
N ILE A 451 -15.75 -13.17 3.12
CA ILE A 451 -15.93 -14.56 2.72
C ILE A 451 -16.59 -15.26 3.91
N PRO A 452 -17.93 -15.36 3.92
CA PRO A 452 -18.69 -15.96 5.04
C PRO A 452 -18.17 -17.31 5.54
N GLU A 453 -17.71 -18.15 4.61
CA GLU A 453 -17.20 -19.47 4.96
C GLU A 453 -15.71 -19.49 5.38
N CYS A 454 -14.98 -18.37 5.31
CA CYS A 454 -13.58 -18.35 5.79
C CYS A 454 -13.54 -18.64 7.29
N ASN A 455 -12.80 -19.66 7.69
CA ASN A 455 -12.75 -20.05 9.10
C ASN A 455 -11.37 -20.13 9.72
N ILE A 456 -10.33 -19.74 8.97
CA ILE A 456 -8.94 -19.82 9.44
C ILE A 456 -8.14 -18.64 8.88
N VAL A 457 -7.54 -17.87 9.79
CA VAL A 457 -6.54 -16.87 9.43
C VAL A 457 -5.25 -17.19 10.17
N VAL A 458 -4.15 -17.26 9.41
CA VAL A 458 -2.79 -17.33 9.96
C VAL A 458 -2.03 -16.08 9.59
N ARG A 459 -1.39 -15.47 10.58
CA ARG A 459 -0.57 -14.29 10.32
C ARG A 459 0.88 -14.72 10.48
N TYR A 460 1.60 -14.70 9.36
CA TYR A 460 2.90 -15.33 9.24
C TYR A 460 4.02 -14.32 9.48
N GLY A 461 4.43 -14.21 10.74
CA GLY A 461 5.57 -13.39 11.13
C GLY A 461 5.43 -11.90 10.84
N LEU A 462 4.25 -11.35 11.04
CA LEU A 462 4.00 -9.97 10.69
C LEU A 462 4.35 -9.00 11.84
N MET A 463 4.67 -7.76 11.47
CA MET A 463 4.83 -6.67 12.42
C MET A 463 3.96 -5.52 11.95
N THR A 464 2.83 -5.34 12.62
CA THR A 464 1.79 -4.41 12.26
C THR A 464 1.27 -3.70 13.49
N ASN A 465 0.39 -2.72 13.26
CA ASN A 465 -0.33 -2.07 14.35
C ASN A 465 -1.56 -2.90 14.74
N GLU A 466 -2.24 -2.46 15.79
CA GLU A 466 -3.44 -3.16 16.27
C GLU A 466 -4.64 -3.11 15.29
N ILE A 467 -4.72 -2.09 14.45
CA ILE A 467 -5.80 -2.04 13.44
C ILE A 467 -5.67 -3.23 12.48
N ALA A 468 -4.48 -3.40 11.94
CA ALA A 468 -4.23 -4.49 11.00
C ALA A 468 -4.41 -5.87 11.65
N MET A 469 -4.06 -6.01 12.94
CA MET A 469 -4.29 -7.26 13.64
C MET A 469 -5.78 -7.59 13.74
N VAL A 470 -6.54 -6.66 14.29
CA VAL A 470 -8.00 -6.75 14.40
C VAL A 470 -8.67 -7.02 13.06
N GLN A 471 -8.30 -6.27 12.04
CA GLN A 471 -8.93 -6.39 10.72
C GLN A 471 -8.69 -7.76 10.03
N ALA A 472 -7.43 -8.21 10.01
CA ALA A 472 -7.04 -9.47 9.43
C ALA A 472 -7.72 -10.66 10.13
N GLN A 473 -7.68 -10.70 11.47
CA GLN A 473 -8.49 -11.66 12.24
C GLN A 473 -9.90 -11.78 11.73
N GLY A 474 -10.49 -10.62 11.48
CA GLY A 474 -11.88 -10.51 11.09
C GLY A 474 -12.26 -11.12 9.77
N ARG A 475 -11.27 -11.42 8.91
CA ARG A 475 -11.57 -12.11 7.66
C ARG A 475 -12.15 -13.49 7.89
N ALA A 476 -11.82 -14.11 9.03
CA ALA A 476 -12.48 -15.36 9.43
C ALA A 476 -13.91 -15.08 9.90
N ARG A 477 -14.86 -15.11 8.98
CA ARG A 477 -16.27 -14.77 9.28
C ARG A 477 -17.04 -15.93 9.89
N ALA A 478 -16.58 -17.17 9.72
CA ALA A 478 -17.38 -18.32 10.08
C ALA A 478 -17.52 -18.54 11.58
N GLN A 479 -18.59 -19.23 11.97
N GLN A 479 -18.61 -19.25 11.93
CA GLN A 479 -18.70 -19.75 13.32
CA GLN A 479 -18.96 -19.69 13.29
C GLN A 479 -17.56 -20.76 13.53
C GLN A 479 -17.80 -19.91 14.26
N ASN A 480 -17.05 -20.81 14.76
N ASN A 480 -17.18 -21.09 14.18
CA ASN A 480 -15.97 -21.71 15.06
CA ASN A 480 -16.10 -21.44 15.07
C ASN A 480 -14.71 -21.36 14.27
C ASN A 480 -14.78 -21.33 14.35
N SER A 481 -14.38 -20.08 14.12
CA SER A 481 -13.15 -19.72 13.43
C SER A 481 -11.96 -19.80 14.35
N MET A 482 -10.78 -19.92 13.74
CA MET A 482 -9.52 -19.91 14.44
C MET A 482 -8.57 -18.85 13.85
N TYR A 483 -7.81 -18.18 14.73
CA TYR A 483 -6.78 -17.23 14.33
C TYR A 483 -5.44 -17.66 14.94
N SER A 484 -4.43 -17.82 14.09
CA SER A 484 -3.10 -18.27 14.50
C SER A 484 -2.06 -17.17 14.29
N VAL A 485 -1.29 -16.88 15.34
CA VAL A 485 -0.09 -16.04 15.24
C VAL A 485 1.09 -16.99 15.08
N LEU A 486 1.70 -17.01 13.89
CA LEU A 486 2.83 -17.89 13.61
C LEU A 486 4.08 -17.02 13.54
N ALA A 487 4.86 -17.09 14.62
CA ALA A 487 6.01 -16.22 14.76
C ALA A 487 7.08 -16.87 15.64
N LYS A 488 8.23 -16.22 15.67
CA LYS A 488 9.39 -16.75 16.39
C LYS A 488 9.23 -16.43 17.87
N ALA A 489 9.43 -17.41 18.74
CA ALA A 489 9.40 -17.20 20.20
C ALA A 489 10.42 -16.14 20.65
N ASN A 490 10.01 -15.34 21.64
CA ASN A 490 10.78 -14.19 22.18
C ASN A 490 11.04 -13.07 21.21
N SER A 491 10.36 -13.07 20.07
CA SER A 491 10.61 -12.05 19.09
C SER A 491 9.86 -10.76 19.46
N ARG A 492 10.30 -9.68 18.83
CA ARG A 492 9.62 -8.38 18.80
C ARG A 492 8.19 -8.52 18.25
N GLU A 493 8.01 -9.45 17.32
CA GLU A 493 6.71 -9.65 16.69
C GLU A 493 5.69 -10.19 17.67
N VAL A 494 6.12 -11.09 18.55
CA VAL A 494 5.23 -11.65 19.58
C VAL A 494 4.88 -10.57 20.60
N TYR A 495 5.90 -9.84 21.07
CA TYR A 495 5.68 -8.69 21.94
C TYR A 495 4.65 -7.71 21.34
N ARG A 496 4.84 -7.32 20.09
CA ARG A 496 3.91 -6.36 19.44
C ARG A 496 2.49 -6.88 19.34
N GLU A 497 2.33 -8.18 19.08
CA GLU A 497 1.03 -8.80 19.01
C GLU A 497 0.28 -8.65 20.38
N GLN A 498 0.98 -8.95 21.47
CA GLN A 498 0.40 -8.89 22.82
C GLN A 498 0.09 -7.44 23.19
N LEU A 499 1.00 -6.53 22.85
CA LEU A 499 0.74 -5.11 23.06
C LEU A 499 -0.53 -4.68 22.30
N ASN A 500 -0.63 -5.10 21.04
CA ASN A 500 -1.78 -4.75 20.21
C ASN A 500 -3.12 -5.22 20.79
N GLU A 501 -3.13 -6.41 21.38
CA GLU A 501 -4.32 -6.93 22.07
C GLU A 501 -4.78 -5.95 23.13
N SER A 502 -3.84 -5.46 23.95
CA SER A 502 -4.14 -4.46 24.96
C SER A 502 -4.55 -3.13 24.35
N LEU A 503 -3.94 -2.75 23.23
CA LEU A 503 -4.28 -1.48 22.57
C LEU A 503 -5.70 -1.48 22.01
N VAL A 504 -6.21 -2.64 21.63
CA VAL A 504 -7.61 -2.79 21.23
C VAL A 504 -8.53 -2.45 22.42
N GLY A 505 -8.21 -2.98 23.60
CA GLY A 505 -8.96 -2.62 24.81
C GLY A 505 -8.94 -1.14 25.17
N LEU A 506 -7.77 -0.51 25.07
CA LEU A 506 -7.60 0.92 25.30
C LEU A 506 -8.42 1.76 24.30
N MET A 507 -8.35 1.36 23.04
CA MET A 507 -9.16 1.99 21.99
C MET A 507 -10.65 2.00 22.33
N GLU A 508 -11.17 0.84 22.74
CA GLU A 508 -12.57 0.73 23.19
C GLU A 508 -12.86 1.69 24.33
N ARG A 509 -12.02 1.67 25.36
N ARG A 509 -12.00 1.65 25.35
CA ARG A 509 -12.17 2.56 26.53
CA ARG A 509 -12.06 2.52 26.52
C ARG A 509 -12.16 4.02 26.08
C ARG A 509 -12.11 3.99 26.10
N ALA A 510 -11.20 4.38 25.21
CA ALA A 510 -11.13 5.75 24.69
C ALA A 510 -12.40 6.20 23.97
N ILE A 511 -12.94 5.35 23.09
CA ILE A 511 -14.17 5.67 22.35
C ILE A 511 -15.37 5.87 23.30
N ARG A 512 -15.54 4.99 24.28
CA ARG A 512 -16.65 5.13 25.23
C ARG A 512 -16.55 6.45 26.03
N ALA A 513 -15.33 6.84 26.39
CA ALA A 513 -15.09 8.11 27.07
C ALA A 513 -15.44 9.32 26.19
N VAL A 514 -15.11 9.23 24.89
CA VAL A 514 -15.50 10.27 23.95
C VAL A 514 -17.01 10.29 23.73
N GLN A 515 -17.61 9.11 23.73
CA GLN A 515 -19.05 9.00 23.55
C GLN A 515 -19.87 9.62 24.69
N ALA A 516 -19.34 9.54 25.92
CA ALA A 516 -20.02 10.09 27.11
C ALA A 516 -19.64 11.55 27.48
N MET A 517 -18.70 12.16 26.76
CA MET A 517 -18.34 13.59 26.98
C MET A 517 -19.53 14.52 26.91
N PRO A 518 -19.56 15.57 27.76
CA PRO A 518 -20.58 16.61 27.57
C PRO A 518 -20.48 17.25 26.19
N GLU A 519 -21.62 17.46 25.54
CA GLU A 519 -21.72 17.97 24.17
C GLU A 519 -20.94 19.27 23.94
N ARG A 520 -20.92 20.17 24.92
CA ARG A 520 -20.24 21.46 24.79
C ARG A 520 -18.72 21.26 24.79
N LYS A 521 -18.23 20.42 25.70
CA LYS A 521 -16.80 20.14 25.79
C LYS A 521 -16.26 19.42 24.54
N TYR A 522 -17.07 18.52 23.96
CA TYR A 522 -16.70 17.86 22.71
C TYR A 522 -16.66 18.85 21.54
N ARG A 523 -17.71 19.65 21.35
CA ARG A 523 -17.76 20.62 20.25
C ARG A 523 -16.59 21.61 20.23
N LEU A 524 -16.21 22.12 21.40
CA LEU A 524 -15.06 23.05 21.49
C LEU A 524 -13.73 22.37 21.16
N LYS A 525 -13.60 21.10 21.55
CA LYS A 525 -12.40 20.34 21.26
C LYS A 525 -12.28 20.06 19.75
N ILE A 526 -13.40 19.72 19.12
CA ILE A 526 -13.42 19.48 17.69
C ILE A 526 -13.03 20.74 16.92
N VAL A 527 -13.66 21.86 17.27
N VAL A 527 -13.62 21.89 17.25
CA VAL A 527 -13.35 23.19 16.70
CA VAL A 527 -13.29 23.13 16.54
C VAL A 527 -11.86 23.48 16.78
C VAL A 527 -11.83 23.54 16.77
N GLU A 528 -11.32 23.34 17.98
CA GLU A 528 -9.91 23.56 18.25
C GLU A 528 -9.01 22.69 17.32
N LEU A 529 -9.30 21.39 17.25
CA LEU A 529 -8.57 20.47 16.38
C LEU A 529 -8.70 20.72 14.87
N GLN A 530 -9.90 21.12 14.42
CA GLN A 530 -10.12 21.44 13.02
C GLN A 530 -9.37 22.70 12.59
N ARG A 531 -9.38 23.72 13.46
CA ARG A 531 -8.57 24.91 13.24
C ARG A 531 -7.08 24.62 13.13
N ASN A 532 -6.53 23.87 14.09
N ASN A 532 -6.56 23.87 14.11
CA ASN A 532 -5.10 23.55 14.05
CA ASN A 532 -5.15 23.46 14.11
C ASN A 532 -4.70 22.71 12.83
C ASN A 532 -4.72 22.72 12.85
N ALA A 533 -5.60 21.84 12.37
CA ALA A 533 -5.37 21.07 11.14
C ALA A 533 -5.27 21.95 9.90
N VAL A 534 -6.22 22.86 9.73
N VAL A 534 -6.22 22.87 9.75
CA VAL A 534 -6.17 23.75 8.56
CA VAL A 534 -6.23 23.80 8.62
C VAL A 534 -4.97 24.71 8.59
C VAL A 534 -4.97 24.67 8.60
N LEU A 535 -4.59 25.19 9.77
CA LEU A 535 -3.39 26.04 9.91
C LEU A 535 -2.09 25.26 9.70
N SER A 536 -1.98 24.08 10.34
CA SER A 536 -0.80 23.20 10.17
C SER A 536 -0.52 22.90 8.68
N TRP A 537 -1.58 22.60 7.93
CA TRP A 537 -1.48 22.33 6.50
C TRP A 537 -0.96 23.53 5.73
N GLN A 538 -1.53 24.70 6.00
CA GLN A 538 -1.11 25.94 5.36
C GLN A 538 0.38 26.19 5.58
N VAL A 539 0.83 26.03 6.81
CA VAL A 539 2.25 26.22 7.15
C VAL A 539 3.11 25.19 6.42
N LYS A 540 2.67 23.94 6.43
CA LYS A 540 3.40 22.88 5.77
C LYS A 540 3.54 23.14 4.26
N GLU A 541 2.46 23.58 3.61
CA GLU A 541 2.48 23.99 2.21
C GLU A 541 3.45 25.10 1.91
N ALA A 542 3.44 26.15 2.73
CA ALA A 542 4.38 27.28 2.52
C ALA A 542 5.84 26.82 2.62
N ARG A 543 6.14 25.97 3.60
CA ARG A 543 7.47 25.43 3.79
C ARG A 543 7.93 24.53 2.63
N SER A 544 7.01 23.74 2.08
CA SER A 544 7.28 22.94 0.88
C SER A 544 7.58 23.79 -0.34
N SER A 545 6.82 24.86 -0.53
N SER A 545 6.82 24.87 -0.52
CA SER A 545 7.08 25.82 -1.61
CA SER A 545 7.05 25.81 -1.61
C SER A 545 8.38 26.59 -1.45
C SER A 545 8.34 26.64 -1.45
N GLU A 546 8.75 26.94 -0.21
CA GLU A 546 10.02 27.66 0.04
C GLU A 546 11.17 26.80 -0.53
N ARG A 547 11.21 25.53 -0.11
CA ARG A 547 12.21 24.56 -0.57
C ARG A 547 12.23 24.41 -2.10
N ARG A 548 11.05 24.39 -2.71
CA ARG A 548 10.87 24.22 -4.14
C ARG A 548 11.44 25.37 -4.99
N GLN A 549 11.64 26.55 -4.39
CA GLN A 549 12.09 27.75 -5.12
C GLN A 549 13.53 28.21 -4.75
N LEU A 550 14.31 27.37 -4.07
CA LEU A 550 15.68 27.75 -3.67
C LEU A 550 16.65 27.98 -4.86
N HIS A 551 16.49 27.19 -5.93
CA HIS A 551 17.40 27.24 -7.07
C HIS A 551 16.68 27.43 -8.40
N ASP A 552 17.32 28.18 -9.27
CA ASP A 552 16.97 28.31 -10.68
C ASP A 552 17.13 26.92 -11.34
N PRO A 553 16.11 26.48 -12.12
CA PRO A 553 16.24 25.15 -12.79
C PRO A 553 17.50 24.99 -13.71
N ASP A 554 18.01 26.10 -14.25
CA ASP A 554 19.22 26.08 -15.08
C ASP A 554 20.49 25.71 -14.31
N ASP A 555 20.47 25.89 -12.99
CA ASP A 555 21.63 25.61 -12.15
C ASP A 555 21.62 24.21 -11.50
N VAL A 556 20.61 23.40 -11.83
CA VAL A 556 20.54 22.04 -11.35
C VAL A 556 20.86 21.08 -12.49
N TYR A 557 21.82 20.19 -12.25
CA TYR A 557 22.25 19.18 -13.22
C TYR A 557 21.93 17.77 -12.70
N PHE A 558 21.47 16.91 -13.58
CA PHE A 558 21.27 15.49 -13.26
C PHE A 558 22.48 14.73 -13.75
N HIS A 559 22.99 13.85 -12.89
CA HIS A 559 24.05 12.90 -13.20
C HIS A 559 23.48 11.46 -13.13
N CYS A 560 23.95 10.58 -14.02
CA CYS A 560 23.69 9.14 -13.94
C CYS A 560 24.17 8.60 -12.58
N VAL A 561 23.29 7.93 -11.85
CA VAL A 561 23.66 7.39 -10.53
C VAL A 561 24.83 6.39 -10.57
N ASN A 562 25.04 5.74 -11.72
CA ASN A 562 26.05 4.68 -11.85
C ASN A 562 27.41 5.17 -12.32
N CYS A 563 27.41 6.01 -13.36
CA CYS A 563 28.66 6.48 -13.97
C CYS A 563 28.96 7.95 -13.74
N ASN A 564 28.02 8.68 -13.15
CA ASN A 564 28.17 10.09 -12.81
C ASN A 564 28.25 11.10 -13.99
N VAL A 565 27.98 10.65 -15.21
CA VAL A 565 27.99 11.56 -16.36
C VAL A 565 26.79 12.53 -16.25
N ALA A 566 27.00 13.78 -16.61
CA ALA A 566 25.93 14.77 -16.65
C ALA A 566 25.00 14.45 -17.81
N VAL A 567 23.70 14.55 -17.57
CA VAL A 567 22.73 14.14 -18.60
C VAL A 567 21.70 15.18 -19.00
N CYS A 568 21.32 16.07 -18.10
CA CYS A 568 20.42 17.18 -18.40
C CYS A 568 20.37 18.14 -17.20
N ARG A 569 19.67 19.26 -17.41
CA ARG A 569 19.42 20.28 -16.42
C ARG A 569 17.96 20.26 -15.92
N GLY A 570 17.73 20.89 -14.77
CA GLY A 570 16.37 21.08 -14.26
C GLY A 570 15.39 21.67 -15.26
N SER A 571 15.85 22.66 -16.03
CA SER A 571 14.99 23.33 -17.03
C SER A 571 14.54 22.44 -18.19
N ASP A 572 15.15 21.26 -18.36
CA ASP A 572 14.72 20.31 -19.39
C ASP A 572 13.49 19.48 -18.98
N ILE A 573 13.12 19.52 -17.69
CA ILE A 573 12.08 18.65 -17.15
C ILE A 573 10.70 19.31 -17.17
N ARG A 574 9.66 18.54 -17.52
CA ARG A 574 8.25 18.95 -17.36
C ARG A 574 7.46 17.80 -16.73
N THR A 575 6.32 18.10 -16.13
N THR A 575 6.31 18.10 -16.15
CA THR A 575 5.42 17.08 -15.57
CA THR A 575 5.42 17.09 -15.57
C THR A 575 4.24 16.76 -16.48
C THR A 575 4.22 16.77 -16.46
N VAL A 576 3.90 15.47 -16.57
CA VAL A 576 2.71 14.99 -17.24
C VAL A 576 1.81 14.42 -16.15
N GLU A 577 0.55 14.86 -16.13
CA GLU A 577 -0.42 14.55 -15.07
C GLU A 577 0.13 14.77 -13.66
N ALA A 578 0.95 15.81 -13.48
CA ALA A 578 1.63 16.11 -12.22
C ALA A 578 2.38 14.93 -11.57
N MET A 579 2.91 14.03 -12.38
CA MET A 579 3.53 12.78 -11.90
C MET A 579 4.76 12.39 -12.71
N HIS A 580 4.58 12.29 -14.03
CA HIS A 580 5.61 11.75 -14.90
C HIS A 580 6.51 12.88 -15.45
N HIS A 581 7.79 12.78 -15.08
CA HIS A 581 8.79 13.81 -15.34
C HIS A 581 9.48 13.55 -16.67
N VAL A 582 9.10 14.32 -17.68
CA VAL A 582 9.64 14.15 -19.02
C VAL A 582 10.72 15.17 -19.37
N ASN A 583 11.74 14.72 -20.10
CA ASN A 583 12.74 15.62 -20.67
C ASN A 583 12.27 16.03 -22.07
N ILE A 584 12.13 17.33 -22.28
N ILE A 584 12.07 17.33 -22.28
CA ILE A 584 11.58 17.87 -23.52
CA ILE A 584 11.58 17.85 -23.57
C ILE A 584 12.66 18.39 -24.50
C ILE A 584 12.66 18.45 -24.47
N ASN A 585 13.93 18.24 -24.12
CA ASN A 585 15.06 18.71 -24.88
C ASN A 585 15.26 17.82 -26.12
N PRO A 586 15.24 18.41 -27.34
CA PRO A 586 15.41 17.59 -28.55
C PRO A 586 16.75 16.86 -28.72
N ASN A 587 17.79 17.24 -27.98
CA ASN A 587 19.07 16.54 -28.04
C ASN A 587 19.33 15.55 -26.90
N PHE A 588 18.36 15.37 -26.00
CA PHE A 588 18.50 14.38 -24.92
C PHE A 588 18.61 12.94 -25.45
N ARG A 589 18.04 12.71 -26.63
CA ARG A 589 18.18 11.44 -27.35
C ARG A 589 19.59 10.96 -27.60
N PHE A 590 20.58 11.87 -27.60
CA PHE A 590 22.00 11.49 -27.73
C PHE A 590 22.65 11.02 -26.43
N TYR A 591 21.90 11.09 -25.32
CA TYR A 591 22.37 10.70 -24.00
C TYR A 591 21.78 9.38 -23.48
N TYR A 592 20.62 8.99 -24.00
CA TYR A 592 20.01 7.70 -23.66
C TYR A 592 19.87 6.75 -24.84
N THR A 593 19.92 5.45 -24.55
CA THR A 593 19.69 4.40 -25.55
C THR A 593 18.42 3.60 -25.19
N VAL A 594 17.58 3.34 -26.20
CA VAL A 594 16.42 2.45 -26.07
C VAL A 594 16.93 1.02 -25.84
N SER A 595 16.53 0.38 -24.76
CA SER A 595 17.13 -0.88 -24.31
C SER A 595 16.19 -2.10 -24.30
N SER A 596 14.94 -1.92 -24.73
CA SER A 596 13.98 -3.04 -24.78
C SER A 596 13.08 -2.89 -25.98
N GLY A 597 12.24 -3.91 -26.18
CA GLY A 597 11.07 -3.81 -27.05
C GLY A 597 9.93 -3.12 -26.31
N LYS A 598 8.76 -3.06 -26.96
CA LYS A 598 7.62 -2.32 -26.44
C LYS A 598 7.09 -2.97 -25.15
N ILE A 599 6.94 -2.16 -24.11
CA ILE A 599 6.39 -2.60 -22.82
C ILE A 599 4.87 -2.47 -22.87
N HIS A 600 4.17 -3.47 -22.32
CA HIS A 600 2.71 -3.53 -22.32
C HIS A 600 2.24 -3.63 -20.87
N PHE A 601 1.35 -2.73 -20.49
CA PHE A 601 0.73 -2.77 -19.17
C PHE A 601 -0.62 -3.43 -19.24
N GLU A 602 -1.16 -3.70 -18.05
CA GLU A 602 -2.49 -4.29 -17.90
C GLU A 602 -3.50 -3.17 -18.10
N ARG A 603 -3.37 -2.11 -17.30
N ARG A 603 -3.36 -2.10 -17.31
CA ARG A 603 -4.18 -0.90 -17.44
CA ARG A 603 -4.17 -0.89 -17.42
C ARG A 603 -3.74 -0.13 -18.68
C ARG A 603 -3.74 -0.10 -18.67
N THR A 604 -4.69 0.58 -19.31
CA THR A 604 -4.39 1.51 -20.43
C THR A 604 -4.90 2.91 -20.04
N PHE A 605 -4.19 3.96 -20.50
CA PHE A 605 -4.42 5.32 -20.03
C PHE A 605 -5.03 6.20 -21.12
N ARG A 606 -5.65 7.29 -20.70
CA ARG A 606 -6.44 8.13 -21.60
C ARG A 606 -5.62 8.71 -22.76
N ASP A 607 -4.50 9.35 -22.42
CA ASP A 607 -3.70 10.12 -23.39
C ASP A 607 -2.35 9.52 -23.81
N TRP A 608 -1.92 8.42 -23.18
CA TRP A 608 -0.62 7.85 -23.51
C TRP A 608 -0.54 6.36 -23.30
N GLU A 609 0.44 5.74 -23.95
CA GLU A 609 0.84 4.35 -23.66
C GLU A 609 2.36 4.28 -23.47
N PRO A 610 2.85 3.23 -22.77
CA PRO A 610 4.29 3.04 -22.66
C PRO A 610 4.94 2.67 -23.98
N GLY A 611 6.17 3.15 -24.18
CA GLY A 611 7.05 2.73 -25.27
C GLY A 611 8.08 1.80 -24.65
N CYS A 612 9.35 2.01 -24.97
CA CYS A 612 10.44 1.14 -24.48
C CYS A 612 11.20 1.73 -23.29
N ARG A 613 11.81 0.85 -22.51
CA ARG A 613 12.79 1.21 -21.47
C ARG A 613 13.96 1.95 -22.09
N ILE A 614 14.54 2.86 -21.30
CA ILE A 614 15.70 3.65 -21.72
C ILE A 614 16.84 3.58 -20.69
N VAL A 615 18.07 3.57 -21.21
CA VAL A 615 19.26 3.51 -20.39
C VAL A 615 20.29 4.57 -20.76
N CYS A 616 21.21 4.83 -19.81
CA CYS A 616 22.37 5.67 -20.00
C CYS A 616 23.13 5.12 -21.18
N SER A 617 23.46 5.97 -22.14
CA SER A 617 24.18 5.52 -23.34
C SER A 617 25.62 5.13 -23.03
N GLU A 618 26.21 5.68 -21.97
CA GLU A 618 27.60 5.38 -21.61
C GLU A 618 27.76 4.10 -20.77
N CYS A 619 26.90 3.90 -19.77
CA CYS A 619 27.06 2.74 -18.86
C CYS A 619 25.91 1.72 -18.82
N ARG A 620 24.78 2.00 -19.49
CA ARG A 620 23.58 1.15 -19.54
C ARG A 620 22.70 1.13 -18.29
N GLN A 621 23.01 1.97 -17.29
CA GLN A 621 22.14 2.16 -16.14
C GLN A 621 20.70 2.48 -16.56
N GLU A 622 19.73 1.74 -15.99
CA GLU A 622 18.29 2.05 -16.15
C GLU A 622 17.94 3.47 -15.73
N TRP A 623 17.21 4.19 -16.59
CA TRP A 623 16.81 5.59 -16.34
C TRP A 623 15.31 5.77 -16.23
N GLY A 624 14.56 5.15 -17.13
CA GLY A 624 13.11 5.18 -17.07
C GLY A 624 12.54 4.54 -18.32
N MET A 625 11.49 5.15 -18.87
N MET A 625 11.49 5.12 -18.87
CA MET A 625 10.79 4.61 -20.02
CA MET A 625 10.98 4.62 -20.13
C MET A 625 10.28 5.72 -20.92
C MET A 625 10.27 5.69 -20.91
N GLU A 626 10.06 5.39 -22.18
CA GLU A 626 9.37 6.29 -23.12
C GLU A 626 7.89 6.28 -22.80
N MET A 627 7.27 7.42 -23.04
CA MET A 627 5.83 7.58 -22.99
C MET A 627 5.47 8.00 -24.40
N ILE A 628 4.54 7.27 -25.01
CA ILE A 628 4.00 7.64 -26.30
C ILE A 628 2.74 8.41 -25.97
N TYR A 629 2.87 9.72 -25.93
CA TYR A 629 1.80 10.62 -25.52
C TYR A 629 1.18 11.21 -26.77
N ARG A 630 0.02 10.69 -27.13
CA ARG A 630 -0.69 11.07 -28.35
C ARG A 630 0.22 10.86 -29.58
N ASN A 631 0.70 11.92 -30.23
CA ASN A 631 1.50 11.78 -31.45
C ASN A 631 3.00 11.95 -31.27
N VAL A 632 3.46 12.11 -30.03
CA VAL A 632 4.91 12.26 -29.76
C VAL A 632 5.39 11.18 -28.80
N THR A 633 6.70 10.97 -28.79
CA THR A 633 7.35 10.07 -27.85
C THR A 633 8.23 10.89 -26.92
N LEU A 634 8.08 10.71 -25.61
CA LEU A 634 8.82 11.46 -24.58
C LEU A 634 9.49 10.52 -23.57
N PRO A 635 10.75 10.80 -23.20
CA PRO A 635 11.42 10.00 -22.19
C PRO A 635 11.03 10.39 -20.76
N ILE A 636 10.49 9.44 -19.99
N ILE A 636 10.48 9.45 -19.99
CA ILE A 636 10.17 9.66 -18.58
CA ILE A 636 10.17 9.67 -18.57
C ILE A 636 11.38 9.31 -17.71
C ILE A 636 11.38 9.31 -17.72
N LEU A 637 11.79 10.22 -16.84
CA LEU A 637 12.91 9.97 -15.92
C LEU A 637 12.45 9.57 -14.51
N SER A 638 13.11 8.54 -13.98
CA SER A 638 12.87 8.05 -12.63
C SER A 638 13.93 8.63 -11.69
N ILE A 639 13.49 9.38 -10.69
CA ILE A 639 14.40 10.15 -9.82
C ILE A 639 15.47 9.30 -9.11
N LYS A 640 15.12 8.05 -8.78
CA LYS A 640 16.05 7.12 -8.11
C LYS A 640 17.31 6.75 -8.93
N ASN A 641 17.29 6.97 -10.24
CA ASN A 641 18.42 6.60 -11.10
C ASN A 641 19.43 7.72 -11.35
N PHE A 642 19.33 8.81 -10.58
CA PHE A 642 20.21 9.96 -10.72
C PHE A 642 20.72 10.55 -9.40
N VAL A 643 21.88 11.22 -9.48
CA VAL A 643 22.31 12.17 -8.47
C VAL A 643 21.96 13.54 -8.99
N VAL A 644 21.31 14.33 -8.15
CA VAL A 644 20.97 15.71 -8.45
C VAL A 644 22.06 16.62 -7.89
N VAL A 645 22.63 17.47 -8.76
CA VAL A 645 23.62 18.47 -8.36
C VAL A 645 23.04 19.88 -8.45
N THR A 646 23.02 20.57 -7.32
CA THR A 646 22.60 21.96 -7.21
C THR A 646 23.81 22.78 -6.76
N PRO A 647 23.66 24.12 -6.68
CA PRO A 647 24.74 24.94 -6.09
C PRO A 647 25.20 24.53 -4.68
N ASP A 648 24.29 24.02 -3.83
CA ASP A 648 24.61 23.74 -2.41
C ASP A 648 25.17 22.34 -2.15
N GLU A 649 24.71 21.34 -2.91
CA GLU A 649 25.05 19.94 -2.59
C GLU A 649 24.76 18.95 -3.73
N LYS A 650 25.23 17.73 -3.53
CA LYS A 650 24.96 16.60 -4.39
C LYS A 650 24.14 15.56 -3.62
N LYS A 651 22.95 15.25 -4.13
CA LYS A 651 21.97 14.45 -3.40
C LYS A 651 21.20 13.49 -4.31
N LYS A 652 21.24 12.21 -3.94
CA LYS A 652 20.35 11.18 -4.49
C LYS A 652 18.96 11.34 -3.84
N TYR A 653 17.97 11.75 -4.62
CA TYR A 653 16.59 11.83 -4.14
C TYR A 653 15.81 10.53 -4.43
N LYS A 654 14.87 10.19 -3.55
CA LYS A 654 13.90 9.13 -3.84
C LYS A 654 12.48 9.64 -4.21
N LYS A 655 12.21 10.94 -3.99
N LYS A 655 12.21 10.93 -4.00
CA LYS A 655 10.95 11.58 -4.39
CA LYS A 655 10.95 11.55 -4.43
C LYS A 655 11.22 12.87 -5.16
C LYS A 655 11.21 12.89 -5.12
N TRP A 656 10.23 13.36 -5.90
CA TRP A 656 10.31 14.65 -6.63
C TRP A 656 9.75 15.81 -5.85
N SER A 657 8.96 15.54 -4.82
CA SER A 657 8.33 16.59 -4.02
C SER A 657 9.33 17.43 -3.22
N THR A 658 10.48 16.87 -2.89
CA THR A 658 11.53 17.58 -2.11
C THR A 658 12.65 18.24 -2.94
N VAL A 659 12.62 18.16 -4.27
CA VAL A 659 13.65 18.84 -5.06
C VAL A 659 13.57 20.34 -4.85
N THR A 660 14.71 21.00 -5.04
CA THR A 660 14.91 22.40 -4.67
C THR A 660 14.81 23.39 -5.84
N PHE A 661 14.08 23.02 -6.88
CA PHE A 661 13.85 23.90 -8.03
C PHE A 661 12.46 23.60 -8.59
N PRO A 662 11.85 24.59 -9.27
CA PRO A 662 10.49 24.39 -9.78
C PRO A 662 10.44 23.65 -11.09
N ILE A 663 9.37 22.89 -11.30
CA ILE A 663 9.14 22.14 -12.53
C ILE A 663 7.73 22.49 -13.06
N GLU A 664 7.66 23.01 -14.27
CA GLU A 664 6.37 23.38 -14.87
C GLU A 664 5.67 22.15 -15.45
N GLU A 665 4.34 22.26 -15.63
CA GLU A 665 3.55 21.21 -16.28
C GLU A 665 3.81 21.23 -17.79
N PHE A 666 3.76 20.05 -18.39
CA PHE A 666 3.98 19.84 -19.82
C PHE A 666 2.83 20.48 -20.58
N SER A 667 3.14 21.05 -21.74
CA SER A 667 2.11 21.60 -22.62
C SER A 667 2.32 20.95 -23.95
N TYR A 668 1.45 19.99 -24.27
CA TYR A 668 1.47 19.27 -25.55
C TYR A 668 1.43 20.24 -26.74
N LEU A 669 0.54 21.23 -26.66
CA LEU A 669 0.39 22.29 -27.66
C LEU A 669 1.72 23.03 -27.93
N GLU A 670 2.29 23.62 -26.88
CA GLU A 670 3.55 24.37 -26.95
C GLU A 670 4.71 23.51 -27.46
N TYR A 671 4.72 22.24 -27.04
CA TYR A 671 5.80 21.31 -27.41
C TYR A 671 5.80 20.97 -28.88
N CYS A 672 4.61 20.74 -29.43
CA CYS A 672 4.46 20.47 -30.86
C CYS A 672 4.95 21.66 -31.69
N SER A 673 4.48 22.88 -31.34
CA SER A 673 4.90 24.11 -32.02
C SER A 673 6.41 24.26 -32.13
N SER A 674 7.12 24.06 -31.01
CA SER A 674 8.57 24.24 -30.94
C SER A 674 9.38 23.14 -31.64
N THR A 675 8.93 21.89 -31.55
CA THR A 675 9.60 20.78 -32.23
C THR A 675 9.32 20.75 -33.74
N GLN A 676 8.11 21.16 -34.14
CA GLN A 676 7.72 21.22 -35.56
C GLN A 676 8.35 22.40 -36.34
N ASP A 677 8.97 23.35 -35.62
CA ASP A 677 9.74 24.46 -36.24
C ASP A 677 11.17 24.10 -36.73
N GLU A 678 11.69 22.94 -36.35
CA GLU A 678 13.13 22.62 -36.56
C GLU A 678 13.41 21.92 -37.90
N SER A 679 12.57 20.95 -38.27
CA SER A 679 12.73 20.22 -39.53
C SER A 679 11.37 19.73 -40.04
#